data_6VLE
#
_entry.id   6VLE
#
_cell.length_a   95.019
_cell.length_b   62.204
_cell.length_c   109.905
_cell.angle_alpha   90.000
_cell.angle_beta   90.880
_cell.angle_gamma   90.000
#
_symmetry.space_group_name_H-M   'P 1 21 1'
#
loop_
_entity.id
_entity.type
_entity.pdbx_description
1 polymer Alpha-(1,6)-fucosyltransferase
2 non-polymer 'SULFATE ION'
3 water water
#
_entity_poly.entity_id   1
_entity_poly.type   'polypeptide(L)'
_entity_poly.pdbx_seq_one_letter_code
;RNGLGKDHEILRRRIENGAKELWFFLQSELKKLKNLEGNELQRHADEFLLDLGHHERSIMTDLYYLSQTDGAGDWREKEA
KDLTELVQRRITYLQNPKDCSKAKKLVCNINKGCGYGCQLHHVVYCFMIAYGTQRTLILESQNWRYATGGWETVFRPVSE
TCTDRSGISTGHWSGEVKDKNVQVVELPIVDSLHPRPPYLPLAVPEDLADRLVRVHGDPAVWWVSQFVKYLIRPQPWLEK
EIEEATKKLGFKHPVIGVHVRRTDKVGTEAAFHPIEEYMVHVEEHFQLLARRMQVDKKRVYLATDDPSLLKEAKTKYPNY
EFISDNSISWSAGLHNRYTENSLRGVILDIHFLSQADFLVCTFSSQVCRVAYEIMQTLHPDASANFHSLDDIYYFGGQNA
HNQIAIYAHQPRTADEIPMEPGDIIGVAGNHWDGYSKGVNRKLGRTGLYPSYKVREKIETVKYPTYPEAEKHHHHHHHHH
H
;
_entity_poly.pdbx_strand_id   A,B
#
loop_
_chem_comp.id
_chem_comp.type
_chem_comp.name
_chem_comp.formula
SO4 non-polymer 'SULFATE ION' 'O4 S -2'
#
# COMPACT_ATOMS: atom_id res chain seq x y z
N LEU A 4 -0.08 10.76 -13.77
CA LEU A 4 -0.39 9.57 -12.98
C LEU A 4 -1.43 8.70 -13.68
N GLY A 5 -1.27 7.39 -13.55
CA GLY A 5 -2.21 6.46 -14.17
C GLY A 5 -3.44 6.27 -13.29
N LYS A 6 -4.59 6.11 -13.95
CA LYS A 6 -5.85 5.99 -13.23
C LYS A 6 -5.89 4.73 -12.37
N ASP A 7 -5.48 3.60 -12.95
CA ASP A 7 -5.49 2.35 -12.19
C ASP A 7 -4.52 2.41 -11.02
N HIS A 8 -3.40 3.10 -11.19
CA HIS A 8 -2.44 3.27 -10.10
C HIS A 8 -3.09 4.02 -8.92
N GLU A 9 -3.88 5.05 -9.23
CA GLU A 9 -4.51 5.82 -8.16
C GLU A 9 -5.67 5.06 -7.53
N ILE A 10 -6.46 4.35 -8.34
CA ILE A 10 -7.54 3.53 -7.79
C ILE A 10 -6.97 2.45 -6.88
N LEU A 11 -5.87 1.80 -7.30
CA LEU A 11 -5.28 0.75 -6.49
C LEU A 11 -4.69 1.32 -5.20
N ARG A 12 -4.03 2.47 -5.27
CA ARG A 12 -3.47 3.08 -4.08
C ARG A 12 -4.56 3.39 -3.06
N ARG A 13 -5.70 3.91 -3.52
CA ARG A 13 -6.80 4.22 -2.61
C ARG A 13 -7.42 2.96 -2.04
N ARG A 14 -7.60 1.93 -2.87
CA ARG A 14 -8.21 0.70 -2.38
C ARG A 14 -7.31 -0.01 -1.37
N ILE A 15 -6.00 0.03 -1.59
CA ILE A 15 -5.06 -0.45 -0.57
C ILE A 15 -5.21 0.36 0.70
N GLU A 16 -5.28 1.68 0.56
CA GLU A 16 -5.46 2.56 1.72
C GLU A 16 -6.77 2.28 2.42
N ASN A 17 -7.87 2.23 1.67
CA ASN A 17 -9.18 1.98 2.26
C ASN A 17 -9.31 0.54 2.75
N GLY A 18 -8.66 -0.41 2.07
CA GLY A 18 -8.67 -1.78 2.55
C GLY A 18 -7.95 -1.95 3.88
N ALA A 19 -6.82 -1.24 4.04
CA ALA A 19 -6.13 -1.26 5.33
C ALA A 19 -6.94 -0.58 6.42
N LYS A 20 -7.63 0.51 6.06
CA LYS A 20 -8.44 1.22 7.05
C LYS A 20 -9.61 0.37 7.53
N GLU A 21 -10.30 -0.31 6.60
CA GLU A 21 -11.37 -1.20 7.00
C GLU A 21 -10.85 -2.39 7.81
N LEU A 22 -9.61 -2.81 7.56
CA LEU A 22 -9.01 -3.84 8.38
C LEU A 22 -8.84 -3.37 9.82
N TRP A 23 -8.49 -2.08 10.00
CA TRP A 23 -8.34 -1.52 11.34
C TRP A 23 -9.70 -1.41 12.03
N PHE A 24 -10.75 -1.04 11.27
CA PHE A 24 -12.09 -1.05 11.83
C PHE A 24 -12.49 -2.46 12.26
N PHE A 25 -12.24 -3.44 11.40
CA PHE A 25 -12.59 -4.83 11.71
C PHE A 25 -11.82 -5.34 12.92
N LEU A 26 -10.52 -5.01 13.00
CA LEU A 26 -9.71 -5.48 14.12
C LEU A 26 -10.19 -4.88 15.45
N GLN A 27 -10.48 -3.58 15.47
CA GLN A 27 -10.94 -2.94 16.70
C GLN A 27 -12.26 -3.53 17.16
N SER A 28 -13.19 -3.77 16.23
CA SER A 28 -14.51 -4.26 16.61
C SER A 28 -14.45 -5.67 17.16
N GLU A 29 -13.76 -6.58 16.45
CA GLU A 29 -13.75 -7.99 16.85
C GLU A 29 -12.90 -8.22 18.10
N LEU A 30 -11.82 -7.46 18.27
CA LEU A 30 -11.02 -7.59 19.48
C LEU A 30 -11.79 -7.12 20.71
N LYS A 31 -12.63 -6.10 20.56
CA LYS A 31 -13.50 -5.69 21.66
C LYS A 31 -14.53 -6.76 22.00
N LYS A 32 -14.96 -7.54 21.00
CA LYS A 32 -15.86 -8.65 21.27
C LYS A 32 -15.14 -9.81 21.95
N LEU A 33 -13.86 -10.01 21.62
CA LEU A 33 -13.11 -11.12 22.20
C LEU A 33 -12.84 -10.92 23.69
N LYS A 34 -12.82 -9.68 24.15
CA LYS A 34 -12.54 -9.41 25.57
C LYS A 34 -13.64 -9.91 26.49
N ASN A 35 -14.80 -10.27 25.95
CA ASN A 35 -15.95 -10.69 26.75
C ASN A 35 -16.38 -12.12 26.39
N LEU A 36 -15.41 -13.02 26.20
CA LEU A 36 -15.70 -14.38 25.82
C LEU A 36 -14.91 -15.35 26.68
N GLU A 37 -15.46 -16.55 26.84
CA GLU A 37 -14.85 -17.61 27.63
C GLU A 37 -14.84 -18.92 26.85
N GLY A 38 -13.85 -19.75 27.15
CA GLY A 38 -13.87 -21.14 26.72
C GLY A 38 -14.01 -21.31 25.22
N ASN A 39 -14.94 -22.18 24.82
CA ASN A 39 -15.09 -22.52 23.41
C ASN A 39 -15.63 -21.35 22.60
N GLU A 40 -16.40 -20.45 23.22
CA GLU A 40 -16.83 -19.25 22.51
C GLU A 40 -15.64 -18.40 22.11
N LEU A 41 -14.64 -18.30 22.98
CA LEU A 41 -13.44 -17.53 22.67
C LEU A 41 -12.62 -18.21 21.58
N GLN A 42 -12.50 -19.54 21.65
CA GLN A 42 -11.74 -20.27 20.64
C GLN A 42 -12.40 -20.19 19.28
N ARG A 43 -13.72 -20.42 19.23
CA ARG A 43 -14.42 -20.44 17.95
C ARG A 43 -14.47 -19.06 17.31
N HIS A 44 -14.58 -18.01 18.12
CA HIS A 44 -14.62 -16.65 17.58
C HIS A 44 -13.25 -16.27 17.01
N ALA A 45 -12.18 -16.63 17.71
CA ALA A 45 -10.84 -16.28 17.25
C ALA A 45 -10.48 -17.00 15.96
N ASP A 46 -10.92 -18.26 15.82
CA ASP A 46 -10.65 -19.00 14.59
C ASP A 46 -11.39 -18.40 13.41
N GLU A 47 -12.68 -18.08 13.60
CA GLU A 47 -13.42 -17.38 12.56
C GLU A 47 -12.87 -15.98 12.34
N PHE A 48 -12.33 -15.36 13.38
CA PHE A 48 -11.63 -14.09 13.22
C PHE A 48 -10.42 -14.25 12.33
N LEU A 49 -9.61 -15.29 12.56
CA LEU A 49 -8.41 -15.52 11.77
C LEU A 49 -8.76 -15.80 10.31
N LEU A 50 -9.79 -16.60 10.06
CA LEU A 50 -10.17 -16.92 8.69
C LEU A 50 -10.59 -15.67 7.93
N ASP A 51 -11.39 -14.80 8.55
CA ASP A 51 -11.76 -13.54 7.92
C ASP A 51 -10.55 -12.64 7.71
N LEU A 52 -9.67 -12.58 8.70
CA LEU A 52 -8.49 -11.73 8.60
C LEU A 52 -7.59 -12.16 7.44
N GLY A 53 -7.44 -13.47 7.24
CA GLY A 53 -6.56 -13.96 6.21
C GLY A 53 -6.98 -13.52 4.82
N HIS A 54 -8.26 -13.74 4.47
CA HIS A 54 -8.76 -13.32 3.17
C HIS A 54 -8.65 -11.81 3.00
N HIS A 55 -9.01 -11.06 4.04
CA HIS A 55 -8.90 -9.61 3.98
C HIS A 55 -7.45 -9.18 3.76
N GLU A 56 -6.53 -9.80 4.47
CA GLU A 56 -5.11 -9.45 4.32
C GLU A 56 -4.60 -9.79 2.92
N ARG A 57 -5.07 -10.91 2.36
CA ARG A 57 -4.62 -11.31 1.03
C ARG A 57 -5.21 -10.42 -0.06
N SER A 58 -6.34 -9.78 0.19
CA SER A 58 -6.87 -8.83 -0.79
C SER A 58 -6.00 -7.58 -0.85
N ILE A 59 -5.47 -7.14 0.30
CA ILE A 59 -4.56 -6.00 0.32
C ILE A 59 -3.26 -6.33 -0.42
N MET A 60 -2.72 -7.53 -0.16
CA MET A 60 -1.51 -7.95 -0.86
C MET A 60 -1.75 -8.09 -2.36
N THR A 61 -2.95 -8.56 -2.74
CA THR A 61 -3.26 -8.71 -4.16
C THR A 61 -3.30 -7.36 -4.86
N ASP A 62 -3.95 -6.37 -4.24
CA ASP A 62 -3.95 -5.02 -4.80
C ASP A 62 -2.55 -4.45 -4.86
N LEU A 63 -1.71 -4.77 -3.87
CA LEU A 63 -0.33 -4.29 -3.89
C LEU A 63 0.44 -4.91 -5.05
N TYR A 64 0.18 -6.18 -5.36
CA TYR A 64 0.80 -6.80 -6.52
C TYR A 64 0.38 -6.09 -7.81
N TYR A 65 -0.93 -5.87 -7.97
CA TYR A 65 -1.43 -5.13 -9.13
C TYR A 65 -0.79 -3.74 -9.20
N LEU A 66 -0.58 -3.11 -8.05
CA LEU A 66 0.05 -1.79 -8.03
C LEU A 66 1.47 -1.86 -8.59
N SER A 67 2.21 -2.92 -8.26
CA SER A 67 3.56 -3.08 -8.76
C SER A 67 3.62 -3.32 -10.27
N GLN A 68 2.48 -3.53 -10.93
CA GLN A 68 2.47 -3.84 -12.35
C GLN A 68 1.76 -2.80 -13.22
N THR A 69 0.92 -1.94 -12.63
CA THR A 69 0.09 -1.05 -13.43
C THR A 69 0.93 0.00 -14.14
N ASP A 70 0.39 0.50 -15.26
CA ASP A 70 0.95 1.64 -15.99
C ASP A 70 2.40 1.37 -16.41
N GLY A 71 2.62 0.20 -16.99
CA GLY A 71 3.92 -0.15 -17.53
C GLY A 71 5.00 -0.42 -16.50
N ALA A 72 4.66 -0.45 -15.21
CA ALA A 72 5.68 -0.69 -14.18
C ALA A 72 6.28 -2.08 -14.31
N GLY A 73 5.45 -3.09 -14.59
CA GLY A 73 5.96 -4.44 -14.71
C GLY A 73 6.93 -4.59 -15.86
N ASP A 74 6.57 -4.06 -17.04
CA ASP A 74 7.45 -4.16 -18.20
C ASP A 74 8.74 -3.39 -17.99
N TRP A 75 8.67 -2.23 -17.34
CA TRP A 75 9.89 -1.46 -17.07
C TRP A 75 10.79 -2.18 -16.09
N ARG A 76 10.21 -2.79 -15.05
CA ARG A 76 11.02 -3.51 -14.07
C ARG A 76 11.73 -4.70 -14.70
N GLU A 77 11.11 -5.33 -15.70
CA GLU A 77 11.73 -6.48 -16.36
C GLU A 77 12.89 -6.05 -17.25
N LYS A 78 12.68 -5.00 -18.05
CA LYS A 78 13.75 -4.53 -18.92
C LYS A 78 14.93 -3.96 -18.14
N GLU A 79 14.67 -3.32 -17.00
CA GLU A 79 15.76 -2.79 -16.18
C GLU A 79 16.53 -3.91 -15.49
N ALA A 80 15.81 -4.92 -14.97
CA ALA A 80 16.49 -6.06 -14.37
C ALA A 80 17.30 -6.83 -15.41
N LYS A 81 16.81 -6.89 -16.65
CA LYS A 81 17.54 -7.56 -17.71
C LYS A 81 18.80 -6.79 -18.08
N ASP A 82 18.74 -5.46 -18.06
CA ASP A 82 19.91 -4.65 -18.37
C ASP A 82 20.98 -4.78 -17.29
N LEU A 83 20.57 -4.87 -16.03
CA LEU A 83 21.55 -4.99 -14.94
C LEU A 83 22.24 -6.34 -14.97
N THR A 84 21.51 -7.40 -15.34
CA THR A 84 22.13 -8.72 -15.45
C THR A 84 23.11 -8.76 -16.62
N GLU A 85 22.67 -8.33 -17.80
CA GLU A 85 23.53 -8.37 -18.98
C GLU A 85 24.77 -7.48 -18.80
N LEU A 86 24.65 -6.41 -18.01
CA LEU A 86 25.81 -5.58 -17.74
C LEU A 86 26.83 -6.30 -16.87
N VAL A 87 26.36 -6.89 -15.76
CA VAL A 87 27.26 -7.58 -14.85
C VAL A 87 27.88 -8.80 -15.53
N GLN A 88 27.07 -9.56 -16.26
CA GLN A 88 27.58 -10.74 -16.96
C GLN A 88 28.60 -10.37 -18.03
N ARG A 89 28.44 -9.19 -18.64
CA ARG A 89 29.46 -8.72 -19.59
C ARG A 89 30.75 -8.37 -18.86
N ARG A 90 30.65 -7.78 -17.66
CA ARG A 90 31.85 -7.44 -16.90
C ARG A 90 32.55 -8.69 -16.40
N ILE A 91 31.79 -9.71 -15.97
CA ILE A 91 32.40 -10.96 -15.53
C ILE A 91 33.05 -11.68 -16.71
N THR A 92 32.37 -11.70 -17.86
CA THR A 92 32.93 -12.35 -19.04
C THR A 92 34.18 -11.64 -19.53
N TYR A 93 34.18 -10.30 -19.46
CA TYR A 93 35.37 -9.55 -19.87
C TYR A 93 36.55 -9.84 -18.96
N LEU A 94 36.32 -9.85 -17.65
CA LEU A 94 37.39 -10.13 -16.70
C LEU A 94 37.96 -11.53 -16.89
N GLN A 95 37.09 -12.51 -17.14
CA GLN A 95 37.50 -13.91 -17.18
C GLN A 95 38.23 -14.29 -18.45
N ASN A 96 38.13 -13.48 -19.51
CA ASN A 96 38.71 -13.81 -20.81
C ASN A 96 39.68 -12.72 -21.26
N PRO A 97 40.85 -12.63 -20.64
CA PRO A 97 41.86 -11.67 -21.12
C PRO A 97 42.52 -12.17 -22.40
N LYS A 98 43.11 -11.23 -23.13
CA LYS A 98 43.74 -11.57 -24.40
C LYS A 98 45.03 -12.34 -24.19
N ASP A 99 45.84 -11.94 -23.20
CA ASP A 99 47.12 -12.57 -22.91
C ASP A 99 47.03 -13.18 -21.52
N CYS A 100 46.83 -14.49 -21.46
CA CYS A 100 46.66 -15.17 -20.17
C CYS A 100 47.96 -15.23 -19.38
N SER A 101 49.10 -15.29 -20.06
CA SER A 101 50.38 -15.39 -19.36
C SER A 101 50.72 -14.12 -18.59
N LYS A 102 50.17 -12.96 -18.98
CA LYS A 102 50.45 -11.70 -18.32
C LYS A 102 49.32 -11.22 -17.43
N ALA A 103 48.24 -11.99 -17.32
CA ALA A 103 47.06 -11.51 -16.61
C ALA A 103 47.17 -11.76 -15.11
N LYS A 104 46.69 -10.79 -14.33
CA LYS A 104 46.56 -10.97 -12.89
C LYS A 104 45.48 -12.01 -12.60
N LYS A 105 45.75 -12.88 -11.64
CA LYS A 105 44.91 -14.06 -11.42
C LYS A 105 44.63 -14.27 -9.95
N LEU A 106 43.55 -15.00 -9.68
CA LEU A 106 43.19 -15.46 -8.35
C LEU A 106 42.83 -16.94 -8.45
N VAL A 107 43.48 -17.77 -7.65
CA VAL A 107 43.33 -19.22 -7.72
C VAL A 107 42.39 -19.67 -6.62
N CYS A 108 41.34 -20.40 -6.99
CA CYS A 108 40.36 -20.95 -6.07
C CYS A 108 40.33 -22.47 -6.21
N ASN A 109 40.33 -23.16 -5.08
CA ASN A 109 40.26 -24.62 -5.03
C ASN A 109 38.87 -25.02 -4.55
N ILE A 110 38.15 -25.78 -5.37
CA ILE A 110 36.77 -26.12 -5.06
C ILE A 110 36.67 -27.16 -3.96
N ASN A 111 37.73 -27.93 -3.71
CA ASN A 111 37.66 -29.10 -2.84
C ASN A 111 37.67 -28.68 -1.35
N LYS A 112 36.65 -27.91 -0.99
CA LYS A 112 36.41 -27.60 0.41
C LYS A 112 35.71 -28.77 1.08
N GLY A 113 36.07 -29.04 2.33
CA GLY A 113 35.54 -30.19 3.04
C GLY A 113 34.10 -30.04 3.46
N CYS A 114 33.19 -30.02 2.49
CA CYS A 114 31.76 -29.83 2.74
C CYS A 114 30.99 -30.26 1.51
N GLY A 115 29.67 -30.04 1.53
CA GLY A 115 28.79 -30.50 0.47
C GLY A 115 28.76 -29.57 -0.74
N TYR A 116 27.94 -29.97 -1.71
CA TYR A 116 27.90 -29.26 -3.00
C TYR A 116 27.48 -27.81 -2.81
N GLY A 117 26.43 -27.57 -2.01
CA GLY A 117 25.99 -26.20 -1.77
C GLY A 117 27.08 -25.36 -1.12
N CYS A 118 27.81 -25.93 -0.17
CA CYS A 118 28.89 -25.19 0.47
C CYS A 118 30.07 -25.00 -0.46
N GLN A 119 30.34 -25.98 -1.32
CA GLN A 119 31.45 -25.85 -2.26
C GLN A 119 31.16 -24.79 -3.32
N LEU A 120 29.93 -24.73 -3.82
CA LEU A 120 29.59 -23.74 -4.83
C LEU A 120 29.69 -22.33 -4.27
N HIS A 121 29.24 -22.13 -3.03
CA HIS A 121 29.33 -20.81 -2.41
C HIS A 121 30.77 -20.40 -2.15
N HIS A 122 31.66 -21.38 -1.97
CA HIS A 122 33.09 -21.07 -1.84
C HIS A 122 33.63 -20.44 -3.11
N VAL A 123 33.27 -20.99 -4.26
CA VAL A 123 33.71 -20.43 -5.54
C VAL A 123 33.07 -19.06 -5.76
N VAL A 124 31.82 -18.89 -5.32
CA VAL A 124 31.17 -17.58 -5.42
C VAL A 124 31.95 -16.56 -4.60
N TYR A 125 32.28 -16.91 -3.35
CA TYR A 125 33.10 -16.03 -2.51
C TYR A 125 34.46 -15.78 -3.15
N CYS A 126 35.00 -16.77 -3.85
CA CYS A 126 36.20 -16.56 -4.65
C CYS A 126 35.94 -15.58 -5.79
N PHE A 127 34.86 -15.81 -6.54
CA PHE A 127 34.60 -15.03 -7.74
C PHE A 127 34.34 -13.57 -7.41
N MET A 128 33.69 -13.30 -6.28
CA MET A 128 33.39 -11.93 -5.91
C MET A 128 34.67 -11.18 -5.53
N ILE A 129 35.59 -11.85 -4.84
CA ILE A 129 36.86 -11.21 -4.51
C ILE A 129 37.70 -11.02 -5.78
N ALA A 130 37.72 -12.00 -6.66
CA ALA A 130 38.43 -11.87 -7.92
C ALA A 130 37.87 -10.73 -8.76
N TYR A 131 36.54 -10.56 -8.74
CA TYR A 131 35.92 -9.45 -9.44
C TYR A 131 36.34 -8.11 -8.86
N GLY A 132 36.41 -8.01 -7.52
CA GLY A 132 36.75 -6.75 -6.88
C GLY A 132 38.22 -6.38 -6.97
N THR A 133 39.10 -7.37 -7.16
CA THR A 133 40.53 -7.13 -7.23
C THR A 133 41.06 -7.15 -8.66
N GLN A 134 40.17 -7.25 -9.65
CA GLN A 134 40.54 -7.24 -11.06
C GLN A 134 41.51 -8.38 -11.39
N ARG A 135 41.16 -9.58 -10.94
CA ARG A 135 41.95 -10.79 -11.19
C ARG A 135 41.05 -11.82 -11.84
N THR A 136 41.56 -12.45 -12.91
CA THR A 136 40.83 -13.53 -13.55
C THR A 136 40.77 -14.74 -12.62
N LEU A 137 39.56 -15.25 -12.39
CA LEU A 137 39.38 -16.38 -11.51
C LEU A 137 39.90 -17.65 -12.17
N ILE A 138 40.81 -18.35 -11.50
CA ILE A 138 41.32 -19.63 -11.96
C ILE A 138 40.75 -20.69 -11.03
N LEU A 139 39.88 -21.54 -11.57
CA LEU A 139 39.20 -22.56 -10.78
C LEU A 139 39.96 -23.88 -10.88
N GLU A 140 40.39 -24.40 -9.74
CA GLU A 140 41.06 -25.70 -9.65
C GLU A 140 40.06 -26.71 -9.08
N SER A 141 39.77 -27.75 -9.84
CA SER A 141 38.73 -28.69 -9.44
C SER A 141 39.09 -30.15 -9.72
N GLN A 142 40.37 -30.48 -9.82
CA GLN A 142 40.76 -31.86 -10.02
C GLN A 142 40.46 -32.69 -8.78
N ASN A 143 40.03 -33.94 -9.01
CA ASN A 143 39.57 -34.83 -7.95
C ASN A 143 38.40 -34.24 -7.18
N TRP A 144 37.58 -33.45 -7.88
CA TRP A 144 36.32 -32.98 -7.30
C TRP A 144 35.46 -34.17 -6.89
N ARG A 145 34.98 -34.15 -5.65
CA ARG A 145 34.30 -35.31 -5.09
C ARG A 145 32.98 -35.63 -5.80
N TYR A 146 32.42 -34.67 -6.54
CA TYR A 146 31.20 -34.92 -7.30
C TYR A 146 31.46 -35.23 -8.77
N ALA A 147 32.64 -34.87 -9.28
CA ALA A 147 33.01 -35.17 -10.67
C ALA A 147 34.53 -35.04 -10.75
N THR A 148 35.23 -36.15 -10.49
CA THR A 148 36.68 -36.15 -10.42
C THR A 148 37.33 -35.67 -11.71
N GLY A 149 36.63 -35.76 -12.84
CA GLY A 149 37.15 -35.21 -14.08
C GLY A 149 37.29 -33.69 -14.06
N GLY A 150 36.62 -33.02 -13.14
CA GLY A 150 36.74 -31.59 -12.97
C GLY A 150 35.39 -30.90 -12.98
N TRP A 151 35.44 -29.60 -12.68
CA TRP A 151 34.24 -28.77 -12.72
C TRP A 151 33.66 -28.70 -14.13
N GLU A 152 34.53 -28.63 -15.13
CA GLU A 152 34.10 -28.54 -16.53
C GLU A 152 33.42 -29.81 -17.02
N THR A 153 33.38 -30.86 -16.20
CA THR A 153 32.63 -32.06 -16.59
C THR A 153 31.14 -31.79 -16.60
N VAL A 154 30.65 -30.90 -15.74
CA VAL A 154 29.23 -30.64 -15.58
C VAL A 154 28.84 -29.27 -16.11
N PHE A 155 29.64 -28.24 -15.83
CA PHE A 155 29.34 -26.88 -16.23
C PHE A 155 30.42 -26.37 -17.19
N ARG A 156 30.13 -25.25 -17.84
CA ARG A 156 31.12 -24.62 -18.69
C ARG A 156 32.30 -24.14 -17.86
N PRO A 157 33.50 -24.13 -18.43
CA PRO A 157 34.65 -23.59 -17.71
C PRO A 157 34.47 -22.10 -17.46
N VAL A 158 35.03 -21.64 -16.33
CA VAL A 158 34.88 -20.24 -15.93
C VAL A 158 35.56 -19.27 -16.88
N SER A 159 36.31 -19.78 -17.86
CA SER A 159 36.97 -18.93 -18.83
C SER A 159 37.21 -19.72 -20.11
N GLU A 160 37.21 -19.02 -21.24
CA GLU A 160 37.49 -19.63 -22.53
C GLU A 160 38.91 -19.37 -23.01
N THR A 161 39.60 -18.39 -22.45
CA THR A 161 40.95 -18.04 -22.90
C THR A 161 42.00 -18.11 -21.82
N CYS A 162 41.63 -18.12 -20.54
CA CYS A 162 42.61 -18.06 -19.44
C CYS A 162 42.17 -19.03 -18.34
N THR A 163 42.60 -20.28 -18.45
CA THR A 163 42.40 -21.27 -17.40
C THR A 163 43.73 -21.78 -16.84
N ASP A 164 44.84 -21.20 -17.25
CA ASP A 164 46.16 -21.58 -16.80
C ASP A 164 46.62 -20.66 -15.68
N ARG A 165 47.50 -21.19 -14.81
CA ARG A 165 47.91 -20.48 -13.60
C ARG A 165 49.31 -19.88 -13.70
N SER A 166 49.81 -19.66 -14.91
CA SER A 166 51.16 -19.13 -15.07
C SER A 166 51.22 -17.67 -14.66
N GLY A 167 52.32 -17.31 -14.02
CA GLY A 167 52.56 -15.93 -13.64
C GLY A 167 54.00 -15.75 -13.24
N ILE A 168 54.44 -14.49 -13.21
CA ILE A 168 55.82 -14.21 -12.82
C ILE A 168 56.00 -14.32 -11.31
N SER A 169 54.93 -14.22 -10.53
CA SER A 169 55.01 -14.30 -9.08
C SER A 169 53.74 -14.93 -8.54
N THR A 170 53.87 -15.58 -7.38
CA THR A 170 52.74 -16.28 -6.78
C THR A 170 52.90 -16.22 -5.25
N GLY A 171 51.76 -16.15 -4.57
CA GLY A 171 51.75 -16.16 -3.11
C GLY A 171 50.34 -16.33 -2.60
N HIS A 172 50.26 -16.69 -1.32
CA HIS A 172 48.97 -16.77 -0.67
C HIS A 172 48.42 -15.36 -0.39
N TRP A 173 47.12 -15.30 -0.13
CA TRP A 173 46.47 -14.01 0.10
C TRP A 173 47.07 -13.31 1.31
N SER A 174 47.50 -12.06 1.12
CA SER A 174 48.05 -11.24 2.20
C SER A 174 47.49 -9.83 2.18
N GLY A 175 46.39 -9.60 1.48
CA GLY A 175 45.81 -8.27 1.37
C GLY A 175 46.02 -7.70 -0.02
N GLU A 176 45.01 -6.97 -0.49
CA GLU A 176 45.07 -6.42 -1.84
C GLU A 176 46.20 -5.42 -2.00
N VAL A 177 46.57 -4.71 -0.93
CA VAL A 177 47.65 -3.73 -1.02
C VAL A 177 48.99 -4.44 -1.14
N LYS A 178 49.23 -5.45 -0.30
CA LYS A 178 50.50 -6.17 -0.34
C LYS A 178 50.62 -7.02 -1.61
N ASP A 179 49.50 -7.48 -2.15
CA ASP A 179 49.50 -8.36 -3.31
C ASP A 179 49.36 -7.60 -4.63
N LYS A 180 49.66 -6.30 -4.65
CA LYS A 180 49.45 -5.51 -5.85
C LYS A 180 50.34 -5.98 -6.99
N ASN A 181 51.52 -6.53 -6.69
CA ASN A 181 52.44 -7.01 -7.71
C ASN A 181 52.57 -8.53 -7.71
N VAL A 182 51.76 -9.23 -6.93
CA VAL A 182 51.71 -10.69 -6.99
C VAL A 182 50.74 -11.06 -8.11
N GLN A 183 51.26 -11.67 -9.18
CA GLN A 183 50.44 -11.92 -10.36
C GLN A 183 49.39 -13.00 -10.10
N VAL A 184 49.76 -14.06 -9.39
CA VAL A 184 48.87 -15.19 -9.13
C VAL A 184 48.72 -15.32 -7.63
N VAL A 185 47.53 -15.01 -7.11
CA VAL A 185 47.26 -15.04 -5.68
C VAL A 185 46.34 -16.22 -5.39
N GLU A 186 46.72 -17.04 -4.42
CA GLU A 186 45.90 -18.17 -3.97
C GLU A 186 45.02 -17.72 -2.81
N LEU A 187 43.71 -17.92 -2.96
CA LEU A 187 42.75 -17.50 -1.96
C LEU A 187 42.28 -18.69 -1.15
N PRO A 188 42.36 -18.64 0.18
CA PRO A 188 41.89 -19.76 0.99
C PRO A 188 40.41 -19.65 1.31
N ILE A 189 39.89 -20.56 2.14
CA ILE A 189 38.48 -20.48 2.54
C ILE A 189 38.26 -19.24 3.39
N VAL A 190 37.01 -18.77 3.38
CA VAL A 190 36.65 -17.55 4.10
C VAL A 190 36.73 -17.70 5.61
N ASP A 191 36.85 -18.92 6.13
CA ASP A 191 36.78 -19.15 7.56
C ASP A 191 37.88 -18.38 8.30
N SER A 192 39.13 -18.57 7.90
CA SER A 192 40.26 -17.92 8.53
C SER A 192 41.00 -17.02 7.55
N LEU A 193 40.25 -16.29 6.73
CA LEU A 193 40.84 -15.36 5.77
C LEU A 193 41.27 -14.10 6.49
N HIS A 194 42.52 -13.67 6.26
CA HIS A 194 43.04 -12.46 6.85
C HIS A 194 44.10 -11.87 5.91
N PRO A 195 44.00 -10.57 5.59
CA PRO A 195 42.90 -9.70 6.02
C PRO A 195 41.69 -9.82 5.10
N ARG A 196 40.52 -9.45 5.60
CA ARG A 196 39.31 -9.56 4.81
C ARG A 196 39.16 -8.37 3.87
N PRO A 197 38.91 -8.60 2.58
CA PRO A 197 38.70 -7.49 1.66
C PRO A 197 37.27 -6.98 1.73
N PRO A 198 36.98 -5.82 1.16
CA PRO A 198 35.61 -5.30 1.21
C PRO A 198 34.64 -5.97 0.25
N TYR A 199 35.11 -6.85 -0.63
CA TYR A 199 34.28 -7.42 -1.69
C TYR A 199 33.59 -8.70 -1.19
N LEU A 200 32.73 -8.52 -0.21
CA LEU A 200 31.99 -9.62 0.40
C LEU A 200 30.56 -9.20 0.65
N PRO A 201 29.61 -10.15 0.67
CA PRO A 201 28.24 -9.83 1.09
C PRO A 201 28.21 -9.24 2.49
N LEU A 202 27.19 -8.44 2.78
CA LEU A 202 26.03 -8.25 1.90
C LEU A 202 26.08 -6.92 1.14
N ALA A 203 27.28 -6.34 1.03
CA ALA A 203 27.42 -5.09 0.31
C ALA A 203 27.28 -5.31 -1.20
N VAL A 204 26.84 -4.27 -1.90
CA VAL A 204 26.65 -4.32 -3.34
C VAL A 204 27.53 -3.24 -3.96
N PRO A 205 27.86 -3.37 -5.25
CA PRO A 205 28.65 -2.33 -5.90
C PRO A 205 27.94 -0.99 -5.87
N GLU A 206 28.69 0.06 -5.51
CA GLU A 206 28.09 1.39 -5.38
C GLU A 206 27.68 1.95 -6.73
N ASP A 207 28.33 1.51 -7.82
CA ASP A 207 27.96 1.99 -9.15
C ASP A 207 26.65 1.40 -9.63
N LEU A 208 26.13 0.38 -8.96
CA LEU A 208 24.85 -0.23 -9.30
C LEU A 208 23.81 -0.09 -8.19
N ALA A 209 24.17 0.48 -7.04
CA ALA A 209 23.32 0.43 -5.87
C ALA A 209 22.00 1.19 -6.08
N ASP A 210 22.06 2.35 -6.74
CA ASP A 210 20.84 3.13 -6.97
C ASP A 210 19.86 2.35 -7.83
N ARG A 211 20.32 1.83 -8.97
CA ARG A 211 19.43 1.11 -9.87
C ARG A 211 18.93 -0.19 -9.26
N LEU A 212 19.73 -0.81 -8.39
CA LEU A 212 19.31 -2.07 -7.76
C LEU A 212 18.20 -1.83 -6.75
N VAL A 213 18.36 -0.84 -5.87
CA VAL A 213 17.34 -0.54 -4.88
C VAL A 213 16.02 -0.16 -5.56
N ARG A 214 16.11 0.54 -6.70
CA ARG A 214 14.91 0.93 -7.42
C ARG A 214 14.17 -0.27 -8.01
N VAL A 215 14.89 -1.35 -8.31
CA VAL A 215 14.32 -2.45 -9.08
C VAL A 215 14.19 -3.74 -8.27
N HIS A 216 14.90 -3.89 -7.16
CA HIS A 216 14.95 -5.16 -6.46
C HIS A 216 14.86 -4.95 -4.96
N GLY A 217 14.13 -5.84 -4.29
CA GLY A 217 13.88 -5.69 -2.87
C GLY A 217 15.03 -6.09 -1.97
N ASP A 218 15.95 -6.90 -2.48
CA ASP A 218 17.14 -7.30 -1.72
C ASP A 218 18.32 -7.33 -2.68
N PRO A 219 18.96 -6.18 -2.91
CA PRO A 219 20.10 -6.14 -3.84
C PRO A 219 21.25 -7.04 -3.43
N ALA A 220 21.36 -7.41 -2.17
CA ALA A 220 22.46 -8.27 -1.73
C ALA A 220 22.37 -9.65 -2.35
N VAL A 221 21.17 -10.23 -2.38
CA VAL A 221 20.99 -11.55 -2.98
C VAL A 221 21.19 -11.48 -4.48
N TRP A 222 20.71 -10.41 -5.11
CA TRP A 222 20.88 -10.24 -6.55
C TRP A 222 22.36 -10.19 -6.93
N TRP A 223 23.17 -9.50 -6.13
CA TRP A 223 24.60 -9.41 -6.43
C TRP A 223 25.29 -10.75 -6.26
N VAL A 224 24.89 -11.52 -5.25
CA VAL A 224 25.41 -12.87 -5.08
C VAL A 224 24.97 -13.75 -6.26
N SER A 225 23.73 -13.60 -6.69
CA SER A 225 23.18 -14.47 -7.72
C SER A 225 23.87 -14.29 -9.07
N GLN A 226 24.49 -13.14 -9.32
CA GLN A 226 25.14 -12.92 -10.60
C GLN A 226 26.34 -13.85 -10.77
N PHE A 227 27.07 -14.12 -9.69
CA PHE A 227 28.19 -15.03 -9.76
C PHE A 227 27.75 -16.50 -9.75
N VAL A 228 26.64 -16.80 -9.08
CA VAL A 228 26.06 -18.13 -9.18
C VAL A 228 25.60 -18.40 -10.61
N LYS A 229 24.97 -17.41 -11.24
CA LYS A 229 24.47 -17.57 -12.59
C LYS A 229 25.59 -17.86 -13.58
N TYR A 230 26.72 -17.16 -13.44
CA TYR A 230 27.83 -17.35 -14.36
C TYR A 230 28.49 -18.71 -14.17
N LEU A 231 28.53 -19.22 -12.94
CA LEU A 231 29.23 -20.47 -12.68
C LEU A 231 28.44 -21.68 -13.19
N ILE A 232 27.13 -21.64 -13.08
CA ILE A 232 26.30 -22.83 -13.31
C ILE A 232 25.85 -22.91 -14.76
N ARG A 233 26.56 -22.20 -15.66
CA ARG A 233 26.31 -22.34 -17.08
C ARG A 233 26.57 -23.78 -17.49
N PRO A 234 25.53 -24.55 -17.84
CA PRO A 234 25.70 -25.99 -17.98
C PRO A 234 26.32 -26.40 -19.32
N GLN A 235 27.01 -27.53 -19.28
CA GLN A 235 27.44 -28.17 -20.51
C GLN A 235 26.23 -28.66 -21.30
N PRO A 236 26.36 -28.79 -22.62
CA PRO A 236 25.19 -29.17 -23.44
C PRO A 236 24.51 -30.46 -23.00
N TRP A 237 25.25 -31.43 -22.47
CA TRP A 237 24.61 -32.67 -22.04
C TRP A 237 23.77 -32.46 -20.79
N LEU A 238 24.28 -31.67 -19.83
CA LEU A 238 23.48 -31.34 -18.64
C LEU A 238 22.25 -30.53 -19.02
N GLU A 239 22.38 -29.65 -20.01
CA GLU A 239 21.24 -28.86 -20.45
C GLU A 239 20.14 -29.74 -21.04
N LYS A 240 20.52 -30.83 -21.72
CA LYS A 240 19.53 -31.76 -22.23
C LYS A 240 18.91 -32.60 -21.13
N GLU A 241 19.70 -32.96 -20.10
CA GLU A 241 19.17 -33.72 -18.99
C GLU A 241 18.09 -32.93 -18.23
N ILE A 242 18.38 -31.66 -17.97
CA ILE A 242 17.40 -30.82 -17.26
C ILE A 242 16.13 -30.67 -18.06
N GLU A 243 16.26 -30.47 -19.38
CA GLU A 243 15.09 -30.40 -20.24
C GLU A 243 14.34 -31.73 -20.26
N GLU A 244 15.07 -32.84 -20.21
CA GLU A 244 14.44 -34.15 -20.19
C GLU A 244 13.75 -34.42 -18.87
N ALA A 245 14.39 -34.05 -17.75
CA ALA A 245 13.77 -34.24 -16.44
C ALA A 245 12.56 -33.35 -16.25
N THR A 246 12.55 -32.17 -16.87
CA THR A 246 11.38 -31.29 -16.80
C THR A 246 10.17 -31.96 -17.45
N LYS A 247 10.37 -32.61 -18.59
CA LYS A 247 9.26 -33.28 -19.27
C LYS A 247 8.88 -34.57 -18.55
N LYS A 248 9.88 -35.29 -18.03
CA LYS A 248 9.60 -36.58 -17.39
C LYS A 248 8.87 -36.41 -16.07
N LEU A 249 9.13 -35.32 -15.34
CA LEU A 249 8.47 -35.07 -14.06
C LEU A 249 7.14 -34.35 -14.21
N GLY A 250 6.85 -33.77 -15.38
CA GLY A 250 5.65 -32.98 -15.52
C GLY A 250 5.70 -31.64 -14.83
N PHE A 251 6.90 -31.07 -14.70
CA PHE A 251 7.08 -29.80 -13.99
C PHE A 251 6.43 -28.68 -14.78
N LYS A 252 5.36 -28.11 -14.23
CA LYS A 252 4.66 -26.99 -14.86
C LYS A 252 4.16 -26.05 -13.78
N HIS A 253 3.74 -24.85 -14.21
CA HIS A 253 3.34 -23.80 -13.30
C HIS A 253 1.82 -23.69 -13.22
N PRO A 254 1.27 -23.28 -12.06
CA PRO A 254 2.00 -22.87 -10.85
C PRO A 254 2.54 -24.04 -10.03
N VAL A 255 3.65 -23.80 -9.33
CA VAL A 255 4.28 -24.81 -8.50
C VAL A 255 5.07 -24.10 -7.40
N ILE A 256 4.98 -24.63 -6.18
CA ILE A 256 5.71 -24.08 -5.04
C ILE A 256 6.80 -25.07 -4.64
N GLY A 257 8.02 -24.55 -4.46
CA GLY A 257 9.14 -25.37 -4.09
C GLY A 257 9.23 -25.53 -2.57
N VAL A 258 9.37 -26.78 -2.13
CA VAL A 258 9.48 -27.11 -0.71
C VAL A 258 10.74 -27.93 -0.51
N HIS A 259 11.62 -27.48 0.38
CA HIS A 259 12.85 -28.18 0.72
C HIS A 259 12.84 -28.49 2.20
N VAL A 260 12.90 -29.78 2.54
CA VAL A 260 12.82 -30.24 3.92
C VAL A 260 14.13 -30.94 4.24
N ARG A 261 15.04 -30.25 4.90
CA ARG A 261 16.30 -30.83 5.33
C ARG A 261 16.16 -31.31 6.76
N ARG A 262 16.48 -32.59 7.00
CA ARG A 262 16.35 -33.17 8.33
C ARG A 262 17.63 -33.85 8.79
N THR A 263 18.75 -33.62 8.12
CA THR A 263 20.06 -34.04 8.61
C THR A 263 21.05 -32.88 8.51
N ALA A 271 17.73 -30.17 13.35
CA ALA A 271 16.42 -29.64 13.74
C ALA A 271 15.32 -30.26 12.89
N PHE A 272 14.24 -30.67 13.54
CA PHE A 272 13.13 -31.36 12.89
C PHE A 272 11.91 -30.44 12.84
N HIS A 273 11.36 -30.27 11.63
CA HIS A 273 10.14 -29.53 11.43
C HIS A 273 9.09 -30.44 10.80
N PRO A 274 7.90 -30.56 11.38
CA PRO A 274 6.86 -31.39 10.75
C PRO A 274 6.41 -30.79 9.42
N ILE A 275 5.85 -31.65 8.57
CA ILE A 275 5.48 -31.24 7.23
C ILE A 275 4.41 -30.15 7.27
N GLU A 276 3.59 -30.13 8.33
CA GLU A 276 2.57 -29.09 8.45
C GLU A 276 3.21 -27.72 8.63
N GLU A 277 4.40 -27.66 9.23
CA GLU A 277 5.08 -26.38 9.41
C GLU A 277 5.42 -25.75 8.07
N TYR A 278 5.71 -26.57 7.05
CA TYR A 278 5.99 -26.04 5.72
C TYR A 278 4.70 -25.77 4.94
N MET A 279 3.70 -26.65 5.08
CA MET A 279 2.54 -26.60 4.21
C MET A 279 1.55 -25.50 4.56
N VAL A 280 1.63 -24.94 5.77
CA VAL A 280 0.75 -23.81 6.11
C VAL A 280 1.09 -22.60 5.24
N HIS A 281 2.37 -22.42 4.93
CA HIS A 281 2.78 -21.34 4.04
C HIS A 281 2.59 -21.70 2.58
N VAL A 282 2.67 -22.99 2.24
CA VAL A 282 2.34 -23.43 0.89
C VAL A 282 0.87 -23.18 0.59
N GLU A 283 0.01 -23.61 1.51
CA GLU A 283 -1.43 -23.39 1.33
C GLU A 283 -1.78 -21.91 1.32
N GLU A 284 -1.11 -21.13 2.16
CA GLU A 284 -1.40 -19.70 2.22
C GLU A 284 -1.04 -19.00 0.92
N HIS A 285 0.08 -19.38 0.30
CA HIS A 285 0.49 -18.72 -0.93
C HIS A 285 -0.39 -19.13 -2.11
N PHE A 286 -0.86 -20.37 -2.14
CA PHE A 286 -1.80 -20.77 -3.19
C PHE A 286 -3.13 -20.05 -3.03
N GLN A 287 -3.55 -19.80 -1.79
CA GLN A 287 -4.73 -18.97 -1.56
C GLN A 287 -4.50 -17.56 -2.07
N LEU A 288 -3.27 -17.05 -1.96
CA LEU A 288 -2.95 -15.73 -2.49
C LEU A 288 -2.99 -15.74 -4.02
N LEU A 289 -2.33 -16.74 -4.64
CA LEU A 289 -2.31 -16.81 -6.09
C LEU A 289 -3.71 -17.01 -6.68
N ALA A 290 -4.58 -17.72 -5.96
CA ALA A 290 -5.94 -17.93 -6.43
C ALA A 290 -6.74 -16.64 -6.56
N ARG A 291 -6.24 -15.53 -6.00
CA ARG A 291 -6.92 -14.26 -6.10
C ARG A 291 -6.64 -13.54 -7.41
N ARG A 292 -5.56 -13.89 -8.11
CA ARG A 292 -5.21 -13.23 -9.36
C ARG A 292 -5.02 -14.20 -10.53
N MET A 293 -5.15 -15.50 -10.30
CA MET A 293 -5.03 -16.47 -11.39
C MET A 293 -5.85 -17.71 -11.04
N GLN A 294 -6.17 -18.48 -12.07
CA GLN A 294 -6.90 -19.73 -11.92
C GLN A 294 -5.89 -20.84 -11.67
N VAL A 295 -5.92 -21.41 -10.47
CA VAL A 295 -4.97 -22.47 -10.09
C VAL A 295 -5.60 -23.80 -10.51
N ASP A 296 -5.08 -24.37 -11.60
CA ASP A 296 -5.63 -25.63 -12.10
C ASP A 296 -5.38 -26.76 -11.12
N LYS A 297 -4.22 -26.76 -10.46
CA LYS A 297 -3.85 -27.81 -9.53
C LYS A 297 -2.77 -27.28 -8.59
N LYS A 298 -2.89 -27.59 -7.32
CA LYS A 298 -1.89 -27.19 -6.32
C LYS A 298 -0.72 -28.15 -6.41
N ARG A 299 0.37 -27.70 -7.03
CA ARG A 299 1.56 -28.51 -7.26
C ARG A 299 2.68 -28.09 -6.32
N VAL A 300 3.43 -29.07 -5.85
CA VAL A 300 4.58 -28.86 -4.97
C VAL A 300 5.73 -29.72 -5.46
N TYR A 301 6.89 -29.10 -5.67
CA TYR A 301 8.13 -29.83 -5.92
C TYR A 301 8.82 -30.04 -4.57
N LEU A 302 8.98 -31.30 -4.18
CA LEU A 302 9.50 -31.65 -2.87
C LEU A 302 10.91 -32.20 -3.00
N ALA A 303 11.86 -31.53 -2.36
CA ALA A 303 13.24 -31.98 -2.24
C ALA A 303 13.54 -32.21 -0.77
N THR A 304 14.05 -33.39 -0.44
CA THR A 304 14.27 -33.71 0.97
C THR A 304 15.35 -34.79 1.08
N ASP A 305 15.88 -34.92 2.29
CA ASP A 305 16.80 -35.99 2.65
C ASP A 305 16.12 -37.02 3.56
N ASP A 306 14.79 -37.05 3.55
CA ASP A 306 14.01 -38.02 4.33
C ASP A 306 13.23 -38.88 3.35
N PRO A 307 13.60 -40.14 3.15
CA PRO A 307 12.94 -40.95 2.10
C PRO A 307 11.49 -41.29 2.42
N SER A 308 11.05 -41.16 3.67
CA SER A 308 9.68 -41.48 4.03
C SER A 308 8.74 -40.29 3.97
N LEU A 309 9.25 -39.10 3.69
CA LEU A 309 8.43 -37.89 3.76
C LEU A 309 7.49 -37.78 2.56
N LEU A 310 7.93 -38.20 1.37
CA LEU A 310 7.11 -38.07 0.19
C LEU A 310 5.80 -38.85 0.32
N LYS A 311 5.87 -40.05 0.88
CA LYS A 311 4.65 -40.82 1.12
C LYS A 311 3.77 -40.14 2.17
N GLU A 312 4.39 -39.57 3.21
CA GLU A 312 3.62 -38.89 4.24
C GLU A 312 2.91 -37.67 3.69
N ALA A 313 3.58 -36.90 2.84
CA ALA A 313 2.98 -35.68 2.30
C ALA A 313 1.82 -36.00 1.37
N LYS A 314 1.93 -37.09 0.61
CA LYS A 314 0.87 -37.45 -0.32
C LYS A 314 -0.43 -37.78 0.39
N THR A 315 -0.35 -38.53 1.50
CA THR A 315 -1.56 -38.93 2.21
C THR A 315 -2.14 -37.81 3.07
N LYS A 316 -1.29 -36.94 3.62
CA LYS A 316 -1.79 -35.85 4.45
C LYS A 316 -2.40 -34.72 3.64
N TYR A 317 -2.02 -34.59 2.37
CA TYR A 317 -2.50 -33.53 1.50
C TYR A 317 -2.91 -34.15 0.17
N PRO A 318 -4.07 -34.81 0.11
CA PRO A 318 -4.43 -35.54 -1.11
C PRO A 318 -4.73 -34.65 -2.30
N ASN A 319 -5.06 -33.37 -2.10
CA ASN A 319 -5.35 -32.48 -3.21
C ASN A 319 -4.10 -31.91 -3.85
N TYR A 320 -2.92 -32.14 -3.27
CA TYR A 320 -1.68 -31.61 -3.82
C TYR A 320 -1.02 -32.64 -4.74
N GLU A 321 -0.42 -32.15 -5.82
CA GLU A 321 0.39 -32.96 -6.70
C GLU A 321 1.85 -32.77 -6.30
N PHE A 322 2.46 -33.80 -5.73
CA PHE A 322 3.82 -33.73 -5.21
C PHE A 322 4.78 -34.27 -6.26
N ILE A 323 5.61 -33.39 -6.80
CA ILE A 323 6.66 -33.74 -7.75
C ILE A 323 7.97 -33.81 -6.99
N SER A 324 8.82 -34.77 -7.35
CA SER A 324 10.10 -34.94 -6.67
C SER A 324 11.06 -35.67 -7.57
N ASP A 325 12.35 -35.49 -7.28
CA ASP A 325 13.40 -36.19 -8.01
C ASP A 325 13.57 -37.59 -7.43
N ASN A 326 13.44 -38.60 -8.29
CA ASN A 326 13.52 -40.00 -7.88
C ASN A 326 14.42 -40.81 -8.80
N SER A 327 15.26 -40.14 -9.60
CA SER A 327 16.03 -40.82 -10.63
C SER A 327 17.17 -41.63 -10.03
N ILE A 328 17.39 -42.82 -10.61
CA ILE A 328 18.55 -43.64 -10.25
C ILE A 328 19.71 -43.40 -11.21
N SER A 329 19.49 -42.67 -12.29
CA SER A 329 20.52 -42.43 -13.30
C SER A 329 20.12 -41.22 -14.13
N TRP A 330 21.08 -40.73 -14.91
CA TRP A 330 20.78 -39.70 -15.90
C TRP A 330 19.91 -40.28 -17.02
N SER A 331 19.43 -39.39 -17.88
CA SER A 331 18.69 -39.85 -19.07
C SER A 331 19.61 -40.65 -19.99
N ALA A 332 20.76 -40.08 -20.33
CA ALA A 332 21.79 -40.79 -21.09
C ALA A 332 22.73 -41.43 -20.08
N GLY A 333 22.69 -42.77 -19.98
CA GLY A 333 23.45 -43.48 -18.98
C GLY A 333 24.95 -43.32 -19.10
N LEU A 334 25.43 -42.81 -20.23
CA LEU A 334 26.86 -42.61 -20.41
C LEU A 334 27.41 -41.63 -19.38
N HIS A 335 26.63 -40.62 -19.00
CA HIS A 335 27.12 -39.58 -18.10
C HIS A 335 27.19 -40.03 -16.64
N ASN A 336 26.69 -41.23 -16.32
CA ASN A 336 26.84 -41.75 -14.96
C ASN A 336 28.30 -41.98 -14.62
N ARG A 337 29.13 -42.30 -15.61
CA ARG A 337 30.51 -42.70 -15.40
C ARG A 337 31.43 -41.55 -15.02
N TYR A 338 30.97 -40.30 -15.11
CA TYR A 338 31.82 -39.14 -14.88
C TYR A 338 31.32 -38.20 -13.81
N THR A 339 30.18 -38.50 -13.18
CA THR A 339 29.68 -37.71 -12.06
C THR A 339 29.27 -38.65 -10.93
N GLU A 340 29.56 -38.24 -9.70
CA GLU A 340 29.16 -39.02 -8.54
C GLU A 340 27.64 -39.11 -8.48
N ASN A 341 27.15 -40.18 -7.83
CA ASN A 341 25.73 -40.51 -7.93
C ASN A 341 24.84 -39.43 -7.31
N SER A 342 25.29 -38.81 -6.22
CA SER A 342 24.47 -37.84 -5.51
C SER A 342 24.43 -36.48 -6.19
N LEU A 343 25.32 -36.21 -7.14
CA LEU A 343 25.34 -34.90 -7.80
C LEU A 343 24.09 -34.69 -8.65
N ARG A 344 23.57 -35.75 -9.26
CA ARG A 344 22.40 -35.61 -10.11
C ARG A 344 21.19 -35.11 -9.33
N GLY A 345 20.97 -35.66 -8.13
CA GLY A 345 19.82 -35.25 -7.34
C GLY A 345 19.92 -33.83 -6.83
N VAL A 346 21.13 -33.41 -6.45
CA VAL A 346 21.30 -32.06 -5.91
C VAL A 346 21.11 -31.02 -7.02
N ILE A 347 21.69 -31.26 -8.20
CA ILE A 347 21.54 -30.33 -9.31
C ILE A 347 20.08 -30.20 -9.72
N LEU A 348 19.38 -31.33 -9.80
CA LEU A 348 17.97 -31.30 -10.20
C LEU A 348 17.11 -30.64 -9.13
N ASP A 349 17.39 -30.92 -7.86
CA ASP A 349 16.62 -30.29 -6.78
C ASP A 349 16.82 -28.78 -6.78
N ILE A 350 18.08 -28.34 -6.84
CA ILE A 350 18.36 -26.90 -6.86
C ILE A 350 17.69 -26.24 -8.06
N HIS A 351 17.69 -26.92 -9.21
CA HIS A 351 17.10 -26.34 -10.42
C HIS A 351 15.60 -26.12 -10.24
N PHE A 352 14.86 -27.18 -9.91
CA PHE A 352 13.41 -27.08 -9.85
C PHE A 352 12.93 -26.23 -8.67
N LEU A 353 13.66 -26.24 -7.55
CA LEU A 353 13.35 -25.32 -6.47
C LEU A 353 13.52 -23.88 -6.93
N SER A 354 14.58 -23.60 -7.68
CA SER A 354 14.81 -22.23 -8.16
C SER A 354 13.79 -21.83 -9.22
N GLN A 355 13.25 -22.79 -9.96
CA GLN A 355 12.25 -22.51 -10.98
C GLN A 355 10.85 -22.34 -10.41
N ALA A 356 10.65 -22.62 -9.13
CA ALA A 356 9.31 -22.56 -8.54
C ALA A 356 8.85 -21.12 -8.36
N ASP A 357 7.53 -20.95 -8.29
CA ASP A 357 6.93 -19.63 -8.11
C ASP A 357 7.01 -19.16 -6.66
N PHE A 358 7.28 -20.06 -5.72
CA PHE A 358 7.41 -19.74 -4.31
C PHE A 358 8.23 -20.84 -3.65
N LEU A 359 9.02 -20.46 -2.65
CA LEU A 359 9.96 -21.38 -2.02
C LEU A 359 9.73 -21.40 -0.52
N VAL A 360 9.45 -22.58 0.02
CA VAL A 360 9.25 -22.77 1.46
C VAL A 360 10.31 -23.76 1.94
N CYS A 361 11.11 -23.34 2.92
CA CYS A 361 12.23 -24.16 3.38
C CYS A 361 12.83 -23.60 4.66
N THR A 362 14.08 -23.99 4.93
CA THR A 362 14.88 -23.44 6.02
C THR A 362 16.15 -22.85 5.42
N PHE A 363 16.33 -21.54 5.59
CA PHE A 363 17.49 -20.88 5.00
C PHE A 363 18.80 -21.25 5.67
N SER A 364 18.76 -21.99 6.78
CA SER A 364 19.98 -22.56 7.32
C SER A 364 20.57 -23.62 6.40
N SER A 365 19.78 -24.12 5.46
CA SER A 365 20.24 -25.12 4.49
C SER A 365 20.89 -24.42 3.31
N GLN A 366 22.11 -24.84 2.98
CA GLN A 366 22.81 -24.26 1.84
C GLN A 366 22.03 -24.45 0.55
N VAL A 367 21.42 -25.62 0.39
CA VAL A 367 20.76 -25.97 -0.88
C VAL A 367 19.63 -25.00 -1.17
N CYS A 368 18.80 -24.70 -0.16
CA CYS A 368 17.69 -23.78 -0.39
C CYS A 368 18.18 -22.38 -0.71
N ARG A 369 19.28 -21.95 -0.06
CA ARG A 369 19.83 -20.64 -0.34
C ARG A 369 20.33 -20.54 -1.78
N VAL A 370 20.98 -21.61 -2.28
CA VAL A 370 21.40 -21.62 -3.67
C VAL A 370 20.19 -21.50 -4.59
N ALA A 371 19.11 -22.25 -4.29
CA ALA A 371 17.90 -22.15 -5.09
C ALA A 371 17.30 -20.76 -5.02
N TYR A 372 17.26 -20.17 -3.82
CA TYR A 372 16.73 -18.81 -3.67
C TYR A 372 17.56 -17.81 -4.45
N GLU A 373 18.89 -17.98 -4.46
CA GLU A 373 19.75 -17.09 -5.21
C GLU A 373 19.50 -17.21 -6.72
N ILE A 374 19.45 -18.44 -7.22
CA ILE A 374 19.21 -18.65 -8.65
C ILE A 374 17.85 -18.12 -9.05
N MET A 375 16.85 -18.27 -8.16
CA MET A 375 15.52 -17.75 -8.42
C MET A 375 15.56 -16.25 -8.74
N GLN A 376 16.53 -15.53 -8.17
CA GLN A 376 16.61 -14.09 -8.41
C GLN A 376 17.02 -13.79 -9.85
N THR A 377 17.74 -14.70 -10.51
CA THR A 377 18.13 -14.52 -11.89
C THR A 377 17.02 -14.86 -12.87
N LEU A 378 15.87 -15.33 -12.39
CA LEU A 378 14.78 -15.77 -13.25
C LEU A 378 13.59 -14.81 -13.27
N HIS A 379 13.59 -13.78 -12.45
CA HIS A 379 12.48 -12.84 -12.39
C HIS A 379 13.04 -11.45 -12.17
N PRO A 380 12.25 -10.40 -12.45
CA PRO A 380 12.73 -9.04 -12.14
C PRO A 380 13.02 -8.84 -10.66
N ASP A 381 12.11 -9.26 -9.78
CA ASP A 381 12.29 -9.11 -8.34
C ASP A 381 11.55 -10.26 -7.64
N ALA A 382 12.27 -11.33 -7.37
CA ALA A 382 11.75 -12.48 -6.64
C ALA A 382 12.27 -12.54 -5.21
N SER A 383 12.69 -11.39 -4.65
CA SER A 383 13.30 -11.38 -3.32
C SER A 383 12.31 -11.81 -2.25
N ALA A 384 11.02 -11.61 -2.48
CA ALA A 384 9.98 -11.92 -1.49
C ALA A 384 9.29 -13.25 -1.76
N ASN A 385 9.69 -13.96 -2.80
CA ASN A 385 9.04 -15.23 -3.17
C ASN A 385 9.59 -16.38 -2.35
N PHE A 386 9.60 -16.24 -1.02
CA PHE A 386 10.08 -17.30 -0.16
C PHE A 386 9.45 -17.15 1.22
N HIS A 387 9.52 -18.24 1.99
CA HIS A 387 9.33 -18.19 3.43
C HIS A 387 10.24 -19.23 4.07
N SER A 388 11.17 -18.75 4.90
CA SER A 388 12.09 -19.61 5.64
C SER A 388 11.52 -19.89 7.03
N LEU A 389 11.68 -21.13 7.48
CA LEU A 389 11.19 -21.51 8.81
C LEU A 389 12.12 -21.06 9.93
N ASP A 390 13.38 -20.76 9.63
CA ASP A 390 14.29 -20.27 10.65
C ASP A 390 15.00 -18.99 10.22
N ASP A 391 16.19 -19.11 9.64
CA ASP A 391 17.05 -17.97 9.40
C ASP A 391 16.49 -17.08 8.29
N ILE A 392 16.88 -15.81 8.35
CA ILE A 392 16.71 -14.89 7.23
C ILE A 392 17.81 -15.19 6.24
N TYR A 393 17.85 -14.48 5.12
CA TYR A 393 18.91 -14.72 4.15
C TYR A 393 20.26 -14.30 4.73
N TYR A 394 21.29 -15.07 4.38
CA TYR A 394 22.65 -14.73 4.73
C TYR A 394 23.58 -15.46 3.79
N PHE A 395 24.81 -14.97 3.68
CA PHE A 395 25.88 -15.62 2.93
C PHE A 395 26.98 -15.98 3.91
N GLY A 396 27.48 -17.20 3.82
CA GLY A 396 28.52 -17.66 4.72
C GLY A 396 29.75 -16.78 4.68
N GLY A 397 30.14 -16.24 5.83
CA GLY A 397 31.27 -15.33 5.90
C GLY A 397 30.94 -13.89 5.59
N GLN A 398 29.67 -13.52 5.53
CA GLN A 398 29.28 -12.15 5.26
C GLN A 398 29.75 -11.22 6.38
N ASN A 399 29.83 -9.93 6.07
CA ASN A 399 30.03 -8.95 7.12
C ASN A 399 28.75 -8.77 7.92
N ALA A 400 28.86 -7.99 8.99
CA ALA A 400 27.73 -7.80 9.90
C ALA A 400 26.52 -7.24 9.16
N HIS A 401 25.40 -7.97 9.27
CA HIS A 401 24.14 -7.52 8.68
C HIS A 401 23.46 -6.58 9.66
N ASN A 402 23.38 -5.31 9.30
CA ASN A 402 22.85 -4.28 10.18
C ASN A 402 21.56 -3.70 9.62
N GLN A 403 20.76 -3.15 10.53
CA GLN A 403 19.53 -2.44 10.22
C GLN A 403 19.56 -1.08 10.89
N ILE A 404 18.60 -0.23 10.54
CA ILE A 404 18.46 1.10 11.11
C ILE A 404 17.06 1.21 11.69
N ALA A 405 16.97 1.45 12.99
CA ALA A 405 15.67 1.66 13.62
C ALA A 405 15.05 2.96 13.12
N ILE A 406 13.80 2.88 12.67
CA ILE A 406 13.10 4.04 12.16
C ILE A 406 12.03 4.55 13.11
N TYR A 407 11.46 3.70 13.95
CA TYR A 407 10.47 4.11 14.94
C TYR A 407 10.93 3.67 16.33
N ALA A 408 10.68 4.51 17.32
CA ALA A 408 11.10 4.21 18.68
C ALA A 408 10.33 3.02 19.23
N HIS A 409 10.95 2.32 20.18
CA HIS A 409 10.34 1.16 20.81
C HIS A 409 10.66 1.15 22.30
N GLN A 410 9.62 1.09 23.12
CA GLN A 410 9.77 0.90 24.55
C GLN A 410 9.50 -0.56 24.88
N PRO A 411 10.44 -1.28 25.48
CA PRO A 411 10.22 -2.72 25.71
C PRO A 411 9.09 -2.97 26.70
N ARG A 412 8.29 -3.99 26.40
CA ARG A 412 7.23 -4.43 27.30
C ARG A 412 7.69 -5.54 28.22
N THR A 413 8.54 -6.44 27.74
CA THR A 413 9.07 -7.55 28.52
C THR A 413 10.58 -7.39 28.66
N ALA A 414 11.15 -8.23 29.54
CA ALA A 414 12.59 -8.20 29.76
C ALA A 414 13.37 -8.72 28.55
N ASP A 415 12.73 -9.51 27.68
CA ASP A 415 13.41 -10.03 26.50
C ASP A 415 13.48 -9.03 25.36
N GLU A 416 12.78 -7.91 25.45
CA GLU A 416 12.82 -6.90 24.40
C GLU A 416 13.90 -5.87 24.68
N ILE A 417 14.34 -5.20 23.62
CA ILE A 417 15.33 -4.13 23.73
C ILE A 417 14.68 -2.81 23.36
N PRO A 418 15.09 -1.70 23.97
CA PRO A 418 14.62 -0.40 23.52
C PRO A 418 15.35 0.06 22.26
N MET A 419 14.66 0.90 21.49
CA MET A 419 15.22 1.45 20.27
C MET A 419 14.84 2.91 20.12
N GLU A 420 15.70 3.67 19.46
CA GLU A 420 15.45 5.05 19.09
C GLU A 420 15.77 5.21 17.60
N PRO A 421 15.06 6.12 16.91
CA PRO A 421 15.32 6.32 15.48
C PRO A 421 16.78 6.64 15.19
N GLY A 422 17.41 5.84 14.33
CA GLY A 422 18.81 5.99 14.02
C GLY A 422 19.71 4.95 14.66
N ASP A 423 19.19 4.14 15.58
CA ASP A 423 19.99 3.11 16.22
C ASP A 423 20.33 2.02 15.23
N ILE A 424 21.63 1.76 15.05
CA ILE A 424 22.06 0.66 14.18
C ILE A 424 21.81 -0.66 14.91
N ILE A 425 20.99 -1.51 14.31
CA ILE A 425 20.57 -2.76 14.91
C ILE A 425 21.19 -3.90 14.12
N GLY A 426 22.08 -4.66 14.75
CA GLY A 426 22.62 -5.86 14.16
C GLY A 426 21.64 -7.01 14.28
N VAL A 427 21.02 -7.39 13.17
CA VAL A 427 19.93 -8.35 13.20
C VAL A 427 20.49 -9.78 13.21
N ALA A 428 20.01 -10.59 14.15
CA ALA A 428 20.36 -12.01 14.17
C ALA A 428 19.34 -12.87 13.44
N GLY A 429 18.10 -12.41 13.33
CA GLY A 429 17.10 -13.16 12.59
C GLY A 429 15.73 -12.57 12.80
N ASN A 430 14.77 -13.14 12.07
CA ASN A 430 13.36 -12.77 12.15
C ASN A 430 12.59 -13.97 12.70
N HIS A 431 11.81 -13.74 13.76
CA HIS A 431 11.04 -14.79 14.38
C HIS A 431 9.70 -15.04 13.70
N TRP A 432 9.38 -14.29 12.65
CA TRP A 432 8.17 -14.47 11.85
C TRP A 432 6.90 -14.39 12.69
N ASP A 433 6.95 -13.69 13.82
CA ASP A 433 5.78 -13.47 14.66
C ASP A 433 5.56 -11.99 14.94
N GLY A 434 6.13 -11.11 14.11
CA GLY A 434 6.10 -9.69 14.33
C GLY A 434 7.34 -9.14 14.99
N TYR A 435 8.13 -9.98 15.65
CA TYR A 435 9.33 -9.57 16.35
C TYR A 435 10.57 -10.16 15.69
N SER A 436 11.65 -9.41 15.75
CA SER A 436 12.97 -9.87 15.32
C SER A 436 13.90 -9.87 16.53
N LYS A 437 15.03 -10.57 16.38
CA LYS A 437 16.02 -10.67 17.44
C LYS A 437 17.34 -10.09 16.93
N GLY A 438 17.93 -9.20 17.73
CA GLY A 438 19.18 -8.57 17.32
C GLY A 438 19.81 -7.85 18.49
N VAL A 439 20.85 -7.08 18.16
CA VAL A 439 21.61 -6.33 19.15
C VAL A 439 21.51 -4.85 18.81
N ASN A 440 21.14 -4.04 19.80
CA ASN A 440 21.22 -2.58 19.69
C ASN A 440 22.66 -2.20 19.99
N ARG A 441 23.42 -1.88 18.93
CA ARG A 441 24.85 -1.63 19.10
C ARG A 441 25.13 -0.37 19.90
N LYS A 442 24.18 0.58 19.93
CA LYS A 442 24.38 1.77 20.76
C LYS A 442 24.35 1.41 22.24
N LEU A 443 23.45 0.51 22.63
CA LEU A 443 23.30 0.13 24.03
C LEU A 443 24.05 -1.15 24.39
N GLY A 444 24.48 -1.93 23.40
CA GLY A 444 25.12 -3.20 23.68
C GLY A 444 24.19 -4.25 24.23
N ARG A 445 22.88 -4.09 24.04
CA ARG A 445 21.88 -5.02 24.56
C ARG A 445 21.31 -5.86 23.42
N THR A 446 21.02 -7.12 23.72
CA THR A 446 20.49 -8.07 22.74
C THR A 446 19.11 -8.53 23.18
N GLY A 447 18.18 -8.56 22.23
CA GLY A 447 16.83 -8.98 22.55
C GLY A 447 15.89 -8.75 21.38
N LEU A 448 14.60 -8.76 21.69
CA LEU A 448 13.55 -8.70 20.68
C LEU A 448 13.12 -7.25 20.42
N TYR A 449 12.53 -7.05 19.24
CA TYR A 449 12.02 -5.75 18.83
C TYR A 449 11.07 -5.95 17.66
N PRO A 450 10.08 -5.07 17.49
CA PRO A 450 9.12 -5.26 16.39
C PRO A 450 9.80 -5.13 15.03
N SER A 451 9.50 -6.08 14.14
CA SER A 451 10.18 -6.13 12.85
C SER A 451 9.88 -4.91 11.99
N TYR A 452 8.70 -4.31 12.14
CA TYR A 452 8.32 -3.20 11.29
C TYR A 452 8.99 -1.89 11.70
N LYS A 453 9.59 -1.82 12.88
CA LYS A 453 10.17 -0.59 13.39
C LYS A 453 11.61 -0.37 12.93
N VAL A 454 12.13 -1.20 12.03
CA VAL A 454 13.50 -1.04 11.55
C VAL A 454 13.51 -1.08 10.03
N ARG A 455 14.58 -0.54 9.46
CA ARG A 455 14.79 -0.47 8.02
C ARG A 455 16.14 -1.09 7.69
N GLU A 456 16.23 -1.67 6.49
CA GLU A 456 17.47 -2.33 6.09
C GLU A 456 18.55 -1.31 5.77
N LYS A 457 19.76 -1.57 6.28
CA LYS A 457 20.91 -0.71 6.03
C LYS A 457 21.70 -1.29 4.88
N ILE A 458 21.55 -0.70 3.69
CA ILE A 458 22.24 -1.16 2.49
C ILE A 458 23.68 -0.68 2.55
N GLU A 459 24.62 -1.60 2.30
CA GLU A 459 26.04 -1.30 2.30
C GLU A 459 26.56 -1.27 0.87
N THR A 460 27.50 -0.37 0.60
CA THR A 460 28.07 -0.21 -0.73
C THR A 460 29.59 -0.33 -0.66
N VAL A 461 30.19 -0.79 -1.76
CA VAL A 461 31.63 -0.94 -1.89
C VAL A 461 32.04 -0.48 -3.28
N LYS A 462 33.13 0.30 -3.34
CA LYS A 462 33.65 0.77 -4.63
C LYS A 462 34.29 -0.39 -5.40
N TYR A 463 33.47 -1.16 -6.11
CA TYR A 463 33.98 -2.20 -6.99
C TYR A 463 34.55 -1.58 -8.26
N PRO A 464 35.44 -2.29 -8.94
CA PRO A 464 35.78 -1.89 -10.31
C PRO A 464 34.56 -2.01 -11.21
N THR A 465 34.46 -1.10 -12.18
CA THR A 465 33.31 -1.07 -13.07
C THR A 465 33.60 -1.65 -14.44
N TYR A 466 34.88 -1.90 -14.76
CA TYR A 466 35.30 -2.48 -16.03
C TYR A 466 34.67 -1.77 -17.22
N PRO A 467 34.99 -0.49 -17.46
CA PRO A 467 34.35 0.23 -18.56
C PRO A 467 34.75 -0.28 -19.93
N GLU A 468 35.90 -0.94 -20.06
CA GLU A 468 36.32 -1.46 -21.36
C GLU A 468 35.42 -2.58 -21.85
N ALA A 469 34.60 -3.16 -20.97
CA ALA A 469 33.72 -4.26 -21.34
C ALA A 469 32.54 -3.82 -22.21
N GLU A 470 32.44 -2.54 -22.54
CA GLU A 470 31.34 -2.05 -23.35
C GLU A 470 31.69 -2.07 -24.83
N LEU B 4 10.43 4.56 -13.46
CA LEU B 4 9.94 4.33 -12.11
C LEU B 4 10.77 5.09 -11.08
N GLY B 5 10.09 5.65 -10.08
CA GLY B 5 10.78 6.39 -9.04
C GLY B 5 11.35 5.48 -7.97
N LYS B 6 12.56 5.82 -7.51
CA LYS B 6 13.24 5.00 -6.51
C LYS B 6 12.48 5.03 -5.19
N ASP B 7 12.09 6.21 -4.73
CA ASP B 7 11.33 6.31 -3.49
C ASP B 7 9.98 5.63 -3.61
N HIS B 8 9.35 5.73 -4.80
CA HIS B 8 8.08 5.06 -5.02
C HIS B 8 8.19 3.56 -4.79
N GLU B 9 9.28 2.95 -5.26
CA GLU B 9 9.46 1.52 -5.09
C GLU B 9 9.81 1.16 -3.64
N ILE B 10 10.63 2.00 -3.00
CA ILE B 10 10.96 1.77 -1.58
C ILE B 10 9.70 1.81 -0.73
N LEU B 11 8.85 2.80 -0.96
CA LEU B 11 7.63 2.94 -0.17
C LEU B 11 6.67 1.79 -0.44
N ARG B 12 6.53 1.39 -1.70
CA ARG B 12 5.62 0.29 -2.03
C ARG B 12 6.03 -1.00 -1.33
N ARG B 13 7.33 -1.29 -1.29
CA ARG B 13 7.80 -2.52 -0.66
C ARG B 13 7.64 -2.46 0.86
N ARG B 14 7.87 -1.29 1.45
CA ARG B 14 7.72 -1.15 2.90
C ARG B 14 6.26 -1.26 3.30
N ILE B 15 5.35 -0.71 2.49
CA ILE B 15 3.93 -0.93 2.70
C ILE B 15 3.60 -2.41 2.60
N GLU B 16 4.15 -3.07 1.57
CA GLU B 16 3.92 -4.50 1.39
C GLU B 16 4.47 -5.30 2.55
N ASN B 17 5.73 -5.04 2.93
CA ASN B 17 6.34 -5.79 4.02
C ASN B 17 5.76 -5.38 5.38
N GLY B 18 5.34 -4.12 5.52
CA GLY B 18 4.70 -3.72 6.76
C GLY B 18 3.38 -4.44 6.99
N ALA B 19 2.58 -4.60 5.93
CA ALA B 19 1.35 -5.37 6.05
C ALA B 19 1.63 -6.84 6.28
N LYS B 20 2.73 -7.36 5.74
CA LYS B 20 3.08 -8.76 5.97
C LYS B 20 3.50 -9.00 7.41
N GLU B 21 4.34 -8.11 7.96
CA GLU B 21 4.70 -8.22 9.37
C GLU B 21 3.50 -8.02 10.27
N LEU B 22 2.54 -7.20 9.84
CA LEU B 22 1.29 -7.08 10.60
C LEU B 22 0.53 -8.41 10.62
N TRP B 23 0.52 -9.11 9.49
CA TRP B 23 -0.14 -10.42 9.43
C TRP B 23 0.58 -11.44 10.31
N PHE B 24 1.92 -11.41 10.30
CA PHE B 24 2.70 -12.24 11.21
C PHE B 24 2.36 -11.92 12.66
N PHE B 25 2.33 -10.63 12.99
CA PHE B 25 2.03 -10.20 14.36
C PHE B 25 0.64 -10.62 14.79
N LEU B 26 -0.35 -10.46 13.90
CA LEU B 26 -1.73 -10.79 14.23
C LEU B 26 -1.90 -12.27 14.54
N GLN B 27 -1.30 -13.14 13.73
CA GLN B 27 -1.44 -14.58 13.92
C GLN B 27 -0.83 -15.03 15.25
N SER B 28 0.35 -14.51 15.58
CA SER B 28 1.02 -14.91 16.81
C SER B 28 0.25 -14.46 18.03
N GLU B 29 -0.13 -13.18 18.08
CA GLU B 29 -0.79 -12.66 19.27
C GLU B 29 -2.20 -13.21 19.43
N LEU B 30 -2.90 -13.49 18.32
CA LEU B 30 -4.22 -14.10 18.43
C LEU B 30 -4.13 -15.53 18.91
N LYS B 31 -3.07 -16.26 18.53
CA LYS B 31 -2.86 -17.59 19.07
C LYS B 31 -2.65 -17.54 20.58
N LYS B 32 -1.77 -16.65 21.05
CA LYS B 32 -1.57 -16.48 22.48
C LYS B 32 -2.82 -15.99 23.18
N LEU B 33 -3.65 -15.21 22.46
CA LEU B 33 -4.89 -14.71 23.04
C LEU B 33 -5.88 -15.82 23.31
N LYS B 34 -5.82 -16.92 22.55
CA LYS B 34 -6.77 -18.02 22.74
C LYS B 34 -6.52 -18.79 24.03
N ASN B 35 -5.32 -18.75 24.58
CA ASN B 35 -4.98 -19.45 25.81
C ASN B 35 -5.01 -18.55 27.03
N LEU B 36 -5.77 -17.47 26.99
CA LEU B 36 -5.87 -16.55 28.10
C LEU B 36 -7.31 -16.48 28.61
N GLU B 37 -7.47 -16.01 29.84
CA GLU B 37 -8.76 -16.01 30.51
C GLU B 37 -8.88 -14.78 31.39
N GLY B 38 -10.09 -14.21 31.44
CA GLY B 38 -10.42 -13.23 32.46
C GLY B 38 -9.63 -11.95 32.32
N ASN B 39 -8.99 -11.55 33.43
CA ASN B 39 -8.32 -10.25 33.49
C ASN B 39 -7.00 -10.27 32.72
N GLU B 40 -6.29 -11.40 32.73
CA GLU B 40 -5.07 -11.52 31.93
C GLU B 40 -5.38 -11.40 30.45
N LEU B 41 -6.59 -11.79 30.05
CA LEU B 41 -7.01 -11.62 28.65
C LEU B 41 -7.30 -10.15 28.35
N GLN B 42 -7.83 -9.41 29.32
CA GLN B 42 -8.15 -8.01 29.10
C GLN B 42 -6.90 -7.18 28.83
N ARG B 43 -5.86 -7.39 29.65
CA ARG B 43 -4.63 -6.62 29.49
C ARG B 43 -3.96 -6.92 28.15
N HIS B 44 -3.82 -8.21 27.82
CA HIS B 44 -3.13 -8.58 26.58
C HIS B 44 -3.87 -8.06 25.36
N ALA B 45 -5.21 -8.12 25.37
CA ALA B 45 -5.98 -7.59 24.26
C ALA B 45 -5.80 -6.08 24.13
N ASP B 46 -5.77 -5.37 25.26
CA ASP B 46 -5.59 -3.93 25.22
C ASP B 46 -4.21 -3.55 24.74
N GLU B 47 -3.18 -4.23 25.25
CA GLU B 47 -1.82 -4.01 24.75
C GLU B 47 -1.73 -4.38 23.27
N PHE B 48 -2.45 -5.43 22.86
CA PHE B 48 -2.49 -5.81 21.45
C PHE B 48 -3.03 -4.67 20.59
N LEU B 49 -4.13 -4.06 21.02
CA LEU B 49 -4.74 -2.98 20.25
C LEU B 49 -3.82 -1.76 20.17
N LEU B 50 -3.14 -1.43 21.26
CA LEU B 50 -2.22 -0.29 21.24
C LEU B 50 -1.07 -0.53 20.29
N ASP B 51 -0.52 -1.75 20.29
CA ASP B 51 0.54 -2.09 19.35
C ASP B 51 0.04 -2.10 17.91
N LEU B 52 -1.20 -2.53 17.69
CA LEU B 52 -1.74 -2.57 16.34
C LEU B 52 -1.99 -1.17 15.79
N GLY B 53 -2.37 -0.23 16.67
CA GLY B 53 -2.64 1.12 16.21
C GLY B 53 -1.42 1.80 15.63
N HIS B 54 -0.29 1.73 16.34
CA HIS B 54 0.94 2.33 15.84
C HIS B 54 1.42 1.63 14.58
N HIS B 55 1.30 0.31 14.52
CA HIS B 55 1.71 -0.44 13.34
C HIS B 55 0.85 -0.06 12.14
N GLU B 56 -0.46 0.01 12.33
CA GLU B 56 -1.37 0.38 11.24
C GLU B 56 -1.10 1.81 10.78
N ARG B 57 -0.80 2.72 11.71
CA ARG B 57 -0.56 4.11 11.35
C ARG B 57 0.73 4.28 10.58
N SER B 58 1.74 3.43 10.83
CA SER B 58 2.95 3.47 10.04
C SER B 58 2.69 3.04 8.60
N ILE B 59 1.76 2.10 8.40
CA ILE B 59 1.38 1.71 7.04
C ILE B 59 0.65 2.87 6.35
N MET B 60 -0.29 3.50 7.07
CA MET B 60 -0.99 4.65 6.51
C MET B 60 -0.05 5.81 6.23
N THR B 61 1.01 5.96 7.04
CA THR B 61 1.99 7.01 6.81
C THR B 61 2.76 6.75 5.52
N ASP B 62 3.28 5.54 5.34
CA ASP B 62 3.97 5.20 4.10
C ASP B 62 3.03 5.33 2.90
N LEU B 63 1.75 5.01 3.08
CA LEU B 63 0.78 5.19 2.00
C LEU B 63 0.62 6.66 1.64
N TYR B 64 0.64 7.55 2.65
CA TYR B 64 0.56 8.98 2.38
C TYR B 64 1.81 9.46 1.63
N TYR B 65 2.99 9.05 2.09
CA TYR B 65 4.22 9.37 1.38
C TYR B 65 4.18 8.84 -0.05
N LEU B 66 3.58 7.67 -0.24
CA LEU B 66 3.46 7.11 -1.59
C LEU B 66 2.63 8.00 -2.51
N SER B 67 1.52 8.55 -1.98
CA SER B 67 0.66 9.42 -2.77
C SER B 67 1.32 10.75 -3.13
N GLN B 68 2.43 11.09 -2.48
CA GLN B 68 3.13 12.35 -2.73
C GLN B 68 4.45 12.18 -3.48
N THR B 69 5.04 11.00 -3.47
CA THR B 69 6.42 10.83 -3.92
C THR B 69 6.53 10.98 -5.43
N ASP B 70 7.74 11.36 -5.87
CA ASP B 70 8.11 11.41 -7.28
C ASP B 70 7.14 12.27 -8.09
N GLY B 71 6.87 13.47 -7.58
CA GLY B 71 6.04 14.41 -8.29
C GLY B 71 4.56 14.13 -8.31
N ALA B 72 4.11 13.07 -7.60
CA ALA B 72 2.69 12.74 -7.61
C ALA B 72 1.87 13.80 -6.88
N GLY B 73 2.40 14.34 -5.79
CA GLY B 73 1.68 15.37 -5.07
C GLY B 73 1.52 16.65 -5.87
N ASP B 74 2.57 17.06 -6.57
CA ASP B 74 2.48 18.28 -7.38
C ASP B 74 1.54 18.10 -8.56
N TRP B 75 1.56 16.92 -9.20
CA TRP B 75 0.66 16.69 -10.32
C TRP B 75 -0.80 16.70 -9.87
N ARG B 76 -1.09 16.11 -8.70
CA ARG B 76 -2.47 16.05 -8.23
C ARG B 76 -2.99 17.44 -7.89
N GLU B 77 -2.13 18.28 -7.29
CA GLU B 77 -2.53 19.66 -7.03
C GLU B 77 -2.76 20.42 -8.33
N LYS B 78 -1.88 20.23 -9.32
CA LYS B 78 -2.04 20.89 -10.61
C LYS B 78 -3.29 20.40 -11.33
N GLU B 79 -3.54 19.10 -11.31
CA GLU B 79 -4.69 18.54 -12.02
C GLU B 79 -5.99 18.93 -11.34
N ALA B 80 -6.05 18.83 -10.01
CA ALA B 80 -7.26 19.22 -9.30
C ALA B 80 -7.54 20.71 -9.45
N LYS B 81 -6.49 21.52 -9.62
CA LYS B 81 -6.68 22.96 -9.81
C LYS B 81 -7.22 23.25 -11.20
N ASP B 82 -6.80 22.49 -12.21
CA ASP B 82 -7.31 22.70 -13.57
C ASP B 82 -8.77 22.27 -13.67
N LEU B 83 -9.15 21.22 -12.95
CA LEU B 83 -10.53 20.73 -13.02
C LEU B 83 -11.50 21.72 -12.37
N THR B 84 -11.13 22.29 -11.22
CA THR B 84 -12.02 23.23 -10.57
C THR B 84 -12.08 24.56 -11.33
N GLU B 85 -10.95 25.00 -11.89
CA GLU B 85 -10.96 26.20 -12.70
C GLU B 85 -11.78 26.00 -13.97
N LEU B 86 -11.79 24.78 -14.50
CA LEU B 86 -12.61 24.49 -15.68
C LEU B 86 -14.10 24.58 -15.35
N VAL B 87 -14.50 24.00 -14.21
CA VAL B 87 -15.92 24.00 -13.84
C VAL B 87 -16.37 25.40 -13.47
N GLN B 88 -15.58 26.10 -12.64
CA GLN B 88 -15.94 27.46 -12.24
C GLN B 88 -16.04 28.38 -13.46
N ARG B 89 -15.19 28.16 -14.47
CA ARG B 89 -15.29 28.95 -15.70
C ARG B 89 -16.56 28.60 -16.48
N ARG B 90 -16.94 27.33 -16.49
CA ARG B 90 -18.18 26.94 -17.15
C ARG B 90 -19.39 27.53 -16.44
N ILE B 91 -19.38 27.53 -15.10
CA ILE B 91 -20.49 28.08 -14.35
C ILE B 91 -20.58 29.58 -14.54
N THR B 92 -19.44 30.27 -14.54
CA THR B 92 -19.44 31.72 -14.74
C THR B 92 -19.96 32.08 -16.12
N TYR B 93 -19.60 31.29 -17.14
CA TYR B 93 -20.10 31.55 -18.49
C TYR B 93 -21.61 31.36 -18.56
N LEU B 94 -22.11 30.26 -17.97
CA LEU B 94 -23.55 30.04 -17.94
C LEU B 94 -24.28 31.15 -17.22
N GLN B 95 -23.72 31.64 -16.11
CA GLN B 95 -24.44 32.60 -15.28
C GLN B 95 -24.46 34.00 -15.86
N ASN B 96 -23.62 34.29 -16.85
CA ASN B 96 -23.47 35.65 -17.38
C ASN B 96 -23.70 35.67 -18.89
N PRO B 97 -24.94 35.53 -19.33
CA PRO B 97 -25.24 35.72 -20.76
C PRO B 97 -25.17 37.20 -21.11
N LYS B 98 -24.93 37.46 -22.40
CA LYS B 98 -24.78 38.84 -22.85
C LYS B 98 -26.10 39.60 -22.76
N ASP B 99 -27.17 39.02 -23.26
CA ASP B 99 -28.50 39.62 -23.23
C ASP B 99 -29.36 38.84 -22.23
N CYS B 100 -29.63 39.47 -21.08
CA CYS B 100 -30.39 38.82 -20.03
C CYS B 100 -31.86 38.69 -20.37
N SER B 101 -32.39 39.56 -21.25
CA SER B 101 -33.80 39.52 -21.57
C SER B 101 -34.19 38.32 -22.43
N LYS B 102 -33.24 37.74 -23.17
CA LYS B 102 -33.51 36.62 -24.05
C LYS B 102 -32.81 35.34 -23.61
N ALA B 103 -32.42 35.25 -22.34
CA ALA B 103 -31.69 34.10 -21.85
C ALA B 103 -32.63 33.08 -21.23
N LYS B 104 -32.35 31.80 -21.47
CA LYS B 104 -33.06 30.73 -20.78
C LYS B 104 -32.67 30.73 -19.31
N LYS B 105 -33.67 30.62 -18.43
CA LYS B 105 -33.46 30.81 -17.01
C LYS B 105 -34.14 29.71 -16.20
N LEU B 106 -33.58 29.45 -15.02
CA LEU B 106 -34.19 28.59 -14.01
C LEU B 106 -34.25 29.37 -12.71
N VAL B 107 -35.44 29.47 -12.13
CA VAL B 107 -35.68 30.30 -10.95
C VAL B 107 -35.70 29.41 -9.71
N CYS B 108 -34.96 29.83 -8.68
CA CYS B 108 -34.87 29.11 -7.42
C CYS B 108 -35.23 30.06 -6.28
N ASN B 109 -36.04 29.57 -5.34
CA ASN B 109 -36.42 30.35 -4.17
C ASN B 109 -35.77 29.72 -2.94
N ILE B 110 -34.97 30.53 -2.23
CA ILE B 110 -34.18 30.00 -1.12
C ILE B 110 -35.03 29.68 0.10
N ASN B 111 -36.26 30.19 0.17
CA ASN B 111 -37.08 30.10 1.37
C ASN B 111 -37.72 28.71 1.53
N LYS B 112 -36.86 27.70 1.60
CA LYS B 112 -37.31 26.36 1.94
C LYS B 112 -37.52 26.26 3.45
N GLY B 113 -38.57 25.54 3.84
CA GLY B 113 -38.93 25.44 5.24
C GLY B 113 -37.97 24.63 6.08
N CYS B 114 -36.73 25.11 6.21
CA CYS B 114 -35.70 24.38 6.94
C CYS B 114 -34.59 25.37 7.30
N GLY B 115 -33.50 24.84 7.86
CA GLY B 115 -32.40 25.66 8.34
C GLY B 115 -31.42 26.04 7.24
N TYR B 116 -30.37 26.75 7.67
CA TYR B 116 -29.41 27.31 6.72
C TYR B 116 -28.72 26.21 5.90
N GLY B 117 -28.24 25.16 6.58
CA GLY B 117 -27.58 24.09 5.87
C GLY B 117 -28.47 23.42 4.83
N CYS B 118 -29.75 23.22 5.18
CA CYS B 118 -30.68 22.63 4.22
C CYS B 118 -31.07 23.62 3.13
N GLN B 119 -31.21 24.90 3.49
CA GLN B 119 -31.54 25.91 2.49
C GLN B 119 -30.41 26.07 1.47
N LEU B 120 -29.16 26.05 1.94
CA LEU B 120 -28.03 26.17 1.02
C LEU B 120 -27.96 24.97 0.08
N HIS B 121 -28.26 23.77 0.57
CA HIS B 121 -28.28 22.60 -0.30
C HIS B 121 -29.43 22.66 -1.30
N HIS B 122 -30.50 23.39 -0.98
CA HIS B 122 -31.58 23.59 -1.94
C HIS B 122 -31.11 24.36 -3.17
N VAL B 123 -30.33 25.43 -2.95
CA VAL B 123 -29.83 26.22 -4.07
C VAL B 123 -28.78 25.46 -4.85
N VAL B 124 -28.02 24.58 -4.18
CA VAL B 124 -27.07 23.74 -4.89
C VAL B 124 -27.80 22.79 -5.83
N TYR B 125 -28.83 22.13 -5.32
CA TYR B 125 -29.67 21.29 -6.17
C TYR B 125 -30.35 22.09 -7.27
N CYS B 126 -30.68 23.35 -6.98
CA CYS B 126 -31.13 24.26 -8.04
C CYS B 126 -30.02 24.50 -9.06
N PHE B 127 -28.82 24.85 -8.56
CA PHE B 127 -27.72 25.23 -9.45
C PHE B 127 -27.32 24.08 -10.36
N MET B 128 -27.23 22.87 -9.82
CA MET B 128 -26.80 21.72 -10.62
C MET B 128 -27.79 21.44 -11.74
N ILE B 129 -29.09 21.52 -11.46
CA ILE B 129 -30.09 21.30 -12.50
C ILE B 129 -30.06 22.43 -13.51
N ALA B 130 -29.83 23.66 -13.06
CA ALA B 130 -29.66 24.78 -13.98
C ALA B 130 -28.45 24.56 -14.88
N TYR B 131 -27.37 24.01 -14.32
CA TYR B 131 -26.17 23.73 -15.10
C TYR B 131 -26.44 22.67 -16.16
N GLY B 132 -27.23 21.65 -15.81
CA GLY B 132 -27.51 20.58 -16.76
C GLY B 132 -28.51 20.93 -17.84
N THR B 133 -29.35 21.94 -17.61
CA THR B 133 -30.35 22.35 -18.57
C THR B 133 -29.95 23.59 -19.37
N GLN B 134 -28.74 24.10 -19.16
CA GLN B 134 -28.25 25.31 -19.84
C GLN B 134 -29.14 26.50 -19.56
N ARG B 135 -29.53 26.66 -18.29
CA ARG B 135 -30.36 27.77 -17.85
C ARG B 135 -29.60 28.60 -16.82
N THR B 136 -29.63 29.92 -16.98
CA THR B 136 -29.04 30.79 -15.99
C THR B 136 -29.82 30.71 -14.69
N LEU B 137 -29.12 30.47 -13.58
CA LEU B 137 -29.78 30.39 -12.29
C LEU B 137 -30.13 31.79 -11.79
N ILE B 138 -31.42 32.04 -11.58
CA ILE B 138 -31.89 33.26 -10.93
C ILE B 138 -32.34 32.88 -9.54
N LEU B 139 -31.71 33.49 -8.53
CA LEU B 139 -31.99 33.20 -7.14
C LEU B 139 -32.89 34.29 -6.58
N GLU B 140 -34.06 33.89 -6.06
CA GLU B 140 -34.98 34.81 -5.40
C GLU B 140 -34.91 34.54 -3.89
N SER B 141 -34.59 35.60 -3.14
CA SER B 141 -34.30 35.43 -1.72
C SER B 141 -34.89 36.55 -0.87
N GLN B 142 -35.97 37.18 -1.33
CA GLN B 142 -36.61 38.22 -0.55
C GLN B 142 -37.21 37.62 0.72
N ASN B 143 -37.09 38.37 1.82
CA ASN B 143 -37.56 37.93 3.14
C ASN B 143 -36.88 36.63 3.58
N TRP B 144 -35.63 36.46 3.19
CA TRP B 144 -34.84 35.34 3.68
C TRP B 144 -34.74 35.41 5.20
N ARG B 145 -34.97 34.28 5.86
CA ARG B 145 -35.10 34.29 7.31
C ARG B 145 -33.80 34.69 8.01
N TYR B 146 -32.66 34.39 7.39
CA TYR B 146 -31.37 34.72 7.99
C TYR B 146 -30.88 36.12 7.61
N ALA B 147 -31.48 36.73 6.58
CA ALA B 147 -31.13 38.09 6.19
C ALA B 147 -32.25 38.58 5.25
N THR B 148 -33.19 39.35 5.80
CA THR B 148 -34.35 39.79 5.04
C THR B 148 -33.97 40.67 3.85
N GLY B 149 -32.75 41.22 3.84
CA GLY B 149 -32.29 41.98 2.70
C GLY B 149 -32.05 41.13 1.46
N GLY B 150 -31.90 39.83 1.63
CA GLY B 150 -31.70 38.90 0.53
C GLY B 150 -30.39 38.16 0.64
N TRP B 151 -30.17 37.28 -0.35
CA TRP B 151 -28.95 36.50 -0.40
C TRP B 151 -27.73 37.38 -0.61
N GLU B 152 -27.84 38.39 -1.48
CA GLU B 152 -26.73 39.27 -1.80
C GLU B 152 -26.29 40.13 -0.60
N THR B 153 -27.07 40.13 0.48
CA THR B 153 -26.64 40.81 1.70
C THR B 153 -25.37 40.16 2.27
N VAL B 154 -25.23 38.85 2.13
CA VAL B 154 -24.15 38.09 2.74
C VAL B 154 -23.11 37.66 1.71
N PHE B 155 -23.56 37.13 0.58
CA PHE B 155 -22.68 36.62 -0.46
C PHE B 155 -22.86 37.41 -1.74
N ARG B 156 -21.94 37.21 -2.68
CA ARG B 156 -22.03 37.87 -3.97
C ARG B 156 -23.22 37.31 -4.76
N PRO B 157 -23.81 38.11 -5.65
CA PRO B 157 -24.89 37.61 -6.49
C PRO B 157 -24.38 36.52 -7.43
N VAL B 158 -25.27 35.60 -7.77
CA VAL B 158 -24.90 34.40 -8.52
C VAL B 158 -24.64 34.77 -9.98
N SER B 159 -24.78 36.06 -10.30
CA SER B 159 -24.53 36.54 -11.64
C SER B 159 -24.16 38.02 -11.58
N GLU B 160 -23.41 38.46 -12.59
CA GLU B 160 -23.05 39.86 -12.74
C GLU B 160 -23.82 40.57 -13.84
N THR B 161 -24.45 39.83 -14.76
CA THR B 161 -25.15 40.42 -15.89
C THR B 161 -26.62 40.09 -15.98
N CYS B 162 -27.09 39.01 -15.33
CA CYS B 162 -28.46 38.54 -15.49
C CYS B 162 -28.99 38.14 -14.13
N THR B 163 -29.73 39.06 -13.48
CA THR B 163 -30.26 38.82 -12.14
C THR B 163 -31.77 39.01 -12.07
N ASP B 164 -32.45 39.19 -13.19
CA ASP B 164 -33.90 39.29 -13.21
C ASP B 164 -34.50 38.10 -13.94
N ARG B 165 -35.83 38.01 -13.88
CA ARG B 165 -36.57 36.87 -14.42
C ARG B 165 -37.43 37.25 -15.62
N SER B 166 -37.04 38.29 -16.35
CA SER B 166 -37.80 38.71 -17.52
C SER B 166 -37.73 37.65 -18.61
N GLY B 167 -38.83 37.52 -19.36
CA GLY B 167 -38.88 36.54 -20.43
C GLY B 167 -40.22 36.59 -21.13
N ILE B 168 -40.31 35.82 -22.20
CA ILE B 168 -41.55 35.75 -22.97
C ILE B 168 -42.53 34.74 -22.38
N SER B 169 -42.03 33.67 -21.77
CA SER B 169 -42.88 32.62 -21.23
C SER B 169 -42.31 32.16 -19.88
N THR B 170 -43.22 31.82 -18.96
CA THR B 170 -42.84 31.35 -17.64
C THR B 170 -43.75 30.19 -17.24
N GLY B 171 -43.15 29.14 -16.70
CA GLY B 171 -43.91 27.99 -16.24
C GLY B 171 -43.14 27.23 -15.17
N HIS B 172 -43.89 26.43 -14.42
CA HIS B 172 -43.27 25.56 -13.44
C HIS B 172 -42.56 24.40 -14.14
N TRP B 173 -41.62 23.79 -13.42
CA TRP B 173 -40.85 22.68 -13.97
C TRP B 173 -41.78 21.52 -14.35
N SER B 174 -41.63 21.04 -15.59
CA SER B 174 -42.41 19.89 -16.04
C SER B 174 -41.59 18.94 -16.92
N GLY B 175 -40.29 19.15 -17.05
CA GLY B 175 -39.46 18.30 -17.89
C GLY B 175 -38.63 19.09 -18.88
N GLU B 176 -37.39 18.66 -19.10
CA GLU B 176 -36.48 19.41 -19.97
C GLU B 176 -37.00 19.47 -21.40
N VAL B 177 -37.50 18.34 -21.92
CA VAL B 177 -38.05 18.34 -23.27
C VAL B 177 -39.33 19.15 -23.34
N LYS B 178 -40.19 19.00 -22.34
CA LYS B 178 -41.47 19.71 -22.34
C LYS B 178 -41.29 21.21 -22.16
N ASP B 179 -40.30 21.63 -21.36
CA ASP B 179 -40.02 23.03 -21.12
C ASP B 179 -38.97 23.60 -22.08
N LYS B 180 -38.79 22.97 -23.24
CA LYS B 180 -37.72 23.37 -24.15
C LYS B 180 -37.91 24.81 -24.62
N ASN B 181 -39.14 25.21 -24.92
CA ASN B 181 -39.43 26.57 -25.39
C ASN B 181 -40.06 27.44 -24.31
N VAL B 182 -39.87 27.08 -23.03
CA VAL B 182 -40.28 27.91 -21.91
C VAL B 182 -39.04 28.64 -21.40
N GLN B 183 -39.05 29.97 -21.49
CA GLN B 183 -37.83 30.72 -21.21
C GLN B 183 -37.48 30.72 -19.73
N VAL B 184 -38.47 30.89 -18.86
CA VAL B 184 -38.25 31.01 -17.43
C VAL B 184 -38.97 29.86 -16.73
N VAL B 185 -38.20 28.91 -16.23
CA VAL B 185 -38.74 27.72 -15.57
C VAL B 185 -38.50 27.85 -14.07
N GLU B 186 -39.57 27.72 -13.30
CA GLU B 186 -39.49 27.78 -11.85
C GLU B 186 -39.35 26.38 -11.27
N LEU B 187 -38.32 26.19 -10.45
CA LEU B 187 -37.98 24.87 -9.90
C LEU B 187 -38.46 24.76 -8.47
N PRO B 188 -39.21 23.72 -8.11
CA PRO B 188 -39.64 23.56 -6.72
C PRO B 188 -38.60 22.84 -5.88
N ILE B 189 -38.94 22.51 -4.64
CA ILE B 189 -38.02 21.74 -3.81
C ILE B 189 -37.91 20.32 -4.35
N VAL B 190 -36.79 19.67 -4.01
CA VAL B 190 -36.53 18.33 -4.53
C VAL B 190 -37.47 17.29 -3.94
N ASP B 191 -38.18 17.61 -2.87
CA ASP B 191 -38.97 16.62 -2.15
C ASP B 191 -40.00 15.94 -3.04
N SER B 192 -40.64 16.71 -3.92
CA SER B 192 -41.66 16.19 -4.82
C SER B 192 -41.43 16.68 -6.23
N LEU B 193 -40.18 16.73 -6.66
CA LEU B 193 -39.86 17.16 -8.03
C LEU B 193 -40.24 16.06 -9.01
N HIS B 194 -41.01 16.42 -10.04
CA HIS B 194 -41.40 15.46 -11.05
C HIS B 194 -41.60 16.18 -12.39
N PRO B 195 -40.99 15.70 -13.48
CA PRO B 195 -40.08 14.55 -13.48
C PRO B 195 -38.67 14.91 -13.01
N ARG B 196 -37.95 13.92 -12.51
CA ARG B 196 -36.59 14.15 -12.01
C ARG B 196 -35.59 14.10 -13.17
N PRO B 197 -34.80 15.14 -13.39
CA PRO B 197 -33.78 15.08 -14.42
C PRO B 197 -32.58 14.28 -13.97
N PRO B 198 -31.68 13.89 -14.87
CA PRO B 198 -30.49 13.14 -14.45
C PRO B 198 -29.44 13.99 -13.76
N TYR B 199 -29.60 15.31 -13.70
CA TYR B 199 -28.55 16.19 -13.18
C TYR B 199 -28.63 16.31 -11.66
N LEU B 200 -28.53 15.17 -10.99
CA LEU B 200 -28.58 15.10 -9.54
C LEU B 200 -27.44 14.24 -9.02
N PRO B 201 -27.01 14.47 -7.78
CA PRO B 201 -26.08 13.54 -7.12
C PRO B 201 -26.67 12.13 -7.08
N LEU B 202 -25.79 11.13 -7.00
CA LEU B 202 -24.35 11.30 -6.84
C LEU B 202 -23.59 11.16 -8.15
N ALA B 203 -24.30 11.23 -9.27
CA ALA B 203 -23.65 11.10 -10.56
C ALA B 203 -22.76 12.32 -10.83
N VAL B 204 -21.73 12.10 -11.64
CA VAL B 204 -20.77 13.15 -11.99
C VAL B 204 -20.82 13.33 -13.50
N PRO B 205 -20.39 14.49 -14.00
CA PRO B 205 -20.42 14.71 -15.45
C PRO B 205 -19.61 13.68 -16.20
N GLU B 206 -20.23 13.12 -17.24
CA GLU B 206 -19.60 12.05 -18.03
C GLU B 206 -18.30 12.51 -18.67
N ASP B 207 -18.19 13.79 -19.02
CA ASP B 207 -17.00 14.32 -19.65
C ASP B 207 -15.86 14.59 -18.67
N LEU B 208 -16.13 14.53 -17.36
CA LEU B 208 -15.13 14.77 -16.34
C LEU B 208 -14.81 13.54 -15.50
N ALA B 209 -15.51 12.43 -15.73
CA ALA B 209 -15.43 11.29 -14.83
C ALA B 209 -14.03 10.68 -14.81
N ASP B 210 -13.43 10.47 -15.98
CA ASP B 210 -12.13 9.81 -16.04
C ASP B 210 -11.06 10.62 -15.30
N ARG B 211 -11.06 11.94 -15.48
CA ARG B 211 -10.07 12.78 -14.81
C ARG B 211 -10.35 12.89 -13.32
N LEU B 212 -11.62 12.82 -12.91
CA LEU B 212 -11.97 12.96 -11.51
C LEU B 212 -11.60 11.70 -10.72
N VAL B 213 -11.93 10.53 -11.26
CA VAL B 213 -11.56 9.27 -10.61
C VAL B 213 -10.05 9.18 -10.45
N ARG B 214 -9.32 9.68 -11.43
CA ARG B 214 -7.86 9.64 -11.33
C ARG B 214 -7.34 10.54 -10.22
N VAL B 215 -8.03 11.65 -9.95
CA VAL B 215 -7.52 12.66 -9.03
C VAL B 215 -8.18 12.60 -7.65
N HIS B 216 -9.41 12.11 -7.55
CA HIS B 216 -10.19 12.29 -6.33
C HIS B 216 -10.87 10.98 -5.93
N GLY B 217 -10.93 10.76 -4.60
CA GLY B 217 -11.46 9.52 -4.09
C GLY B 217 -12.97 9.43 -4.10
N ASP B 218 -13.65 10.57 -4.06
CA ASP B 218 -15.12 10.63 -4.11
C ASP B 218 -15.51 11.74 -5.07
N PRO B 219 -15.52 11.46 -6.37
CA PRO B 219 -15.89 12.49 -7.35
C PRO B 219 -17.29 13.06 -7.13
N ALA B 220 -18.18 12.34 -6.46
CA ALA B 220 -19.53 12.82 -6.25
C ALA B 220 -19.54 14.09 -5.39
N VAL B 221 -18.78 14.07 -4.29
CA VAL B 221 -18.70 15.25 -3.43
C VAL B 221 -18.00 16.39 -4.16
N TRP B 222 -16.96 16.08 -4.93
CA TRP B 222 -16.23 17.12 -5.65
C TRP B 222 -17.15 17.87 -6.61
N TRP B 223 -18.01 17.13 -7.33
CA TRP B 223 -18.96 17.77 -8.23
C TRP B 223 -19.94 18.65 -7.45
N VAL B 224 -20.46 18.15 -6.33
CA VAL B 224 -21.35 18.94 -5.50
C VAL B 224 -20.65 20.18 -4.97
N SER B 225 -19.38 20.03 -4.59
CA SER B 225 -18.64 21.12 -3.97
C SER B 225 -18.40 22.29 -4.94
N GLN B 226 -18.39 22.03 -6.25
CA GLN B 226 -18.14 23.09 -7.20
C GLN B 226 -19.28 24.11 -7.22
N PHE B 227 -20.50 23.67 -6.92
CA PHE B 227 -21.63 24.60 -6.85
C PHE B 227 -21.71 25.28 -5.50
N VAL B 228 -21.32 24.57 -4.43
CA VAL B 228 -21.18 25.21 -3.13
C VAL B 228 -20.09 26.28 -3.17
N LYS B 229 -18.99 25.99 -3.88
CA LYS B 229 -17.89 26.94 -3.98
C LYS B 229 -18.32 28.22 -4.68
N TYR B 230 -19.07 28.10 -5.77
CA TYR B 230 -19.52 29.29 -6.50
C TYR B 230 -20.51 30.10 -5.68
N LEU B 231 -21.38 29.42 -4.93
CA LEU B 231 -22.46 30.13 -4.23
C LEU B 231 -21.92 31.01 -3.11
N ILE B 232 -20.98 30.49 -2.32
CA ILE B 232 -20.60 31.14 -1.07
C ILE B 232 -19.45 32.11 -1.28
N ARG B 233 -19.32 32.66 -2.49
CA ARG B 233 -18.36 33.73 -2.70
C ARG B 233 -18.77 34.92 -1.84
N PRO B 234 -18.00 35.29 -0.83
CA PRO B 234 -18.48 36.24 0.17
C PRO B 234 -18.40 37.68 -0.29
N GLN B 235 -19.34 38.48 0.22
CA GLN B 235 -19.25 39.92 0.07
C GLN B 235 -18.01 40.43 0.81
N PRO B 236 -17.50 41.61 0.42
CA PRO B 236 -16.28 42.11 1.07
C PRO B 236 -16.40 42.27 2.58
N TRP B 237 -17.57 42.72 3.08
CA TRP B 237 -17.72 42.90 4.52
C TRP B 237 -17.63 41.56 5.25
N LEU B 238 -18.21 40.51 4.66
CA LEU B 238 -18.14 39.18 5.28
C LEU B 238 -16.74 38.61 5.19
N GLU B 239 -16.05 38.84 4.06
CA GLU B 239 -14.67 38.40 3.92
C GLU B 239 -13.77 39.07 4.95
N LYS B 240 -14.04 40.34 5.26
CA LYS B 240 -13.34 41.02 6.34
C LYS B 240 -13.65 40.39 7.69
N GLU B 241 -14.93 40.09 7.94
CA GLU B 241 -15.33 39.48 9.22
C GLU B 241 -14.65 38.14 9.41
N ILE B 242 -14.61 37.31 8.36
CA ILE B 242 -13.99 35.98 8.46
C ILE B 242 -12.51 36.11 8.80
N GLU B 243 -11.82 37.02 8.11
CA GLU B 243 -10.41 37.26 8.41
C GLU B 243 -10.24 37.80 9.83
N GLU B 244 -11.19 38.60 10.31
CA GLU B 244 -11.11 39.12 11.68
C GLU B 244 -11.28 37.98 12.69
N ALA B 245 -12.25 37.10 12.48
CA ALA B 245 -12.48 36.01 13.41
C ALA B 245 -11.30 35.04 13.45
N THR B 246 -10.62 34.86 12.32
CA THR B 246 -9.44 33.99 12.29
C THR B 246 -8.35 34.53 13.22
N LYS B 247 -8.14 35.84 13.22
CA LYS B 247 -7.16 36.43 14.12
C LYS B 247 -7.63 36.38 15.57
N LYS B 248 -8.91 36.69 15.80
CA LYS B 248 -9.42 36.76 17.17
C LYS B 248 -9.41 35.38 17.84
N LEU B 249 -9.92 34.37 17.14
CA LEU B 249 -10.00 33.02 17.69
C LEU B 249 -8.65 32.31 17.70
N GLY B 250 -7.65 32.82 16.99
CA GLY B 250 -6.37 32.14 16.91
C GLY B 250 -6.41 30.85 16.12
N PHE B 251 -7.26 30.79 15.10
CA PHE B 251 -7.37 29.58 14.28
C PHE B 251 -6.05 29.32 13.57
N LYS B 252 -5.43 28.18 13.86
CA LYS B 252 -4.10 27.86 13.35
C LYS B 252 -3.99 26.36 13.16
N HIS B 253 -3.06 25.95 12.28
CA HIS B 253 -2.85 24.56 11.92
C HIS B 253 -1.68 23.97 12.70
N PRO B 254 -1.71 22.66 13.02
CA PRO B 254 -2.78 21.72 12.69
C PRO B 254 -4.00 21.86 13.59
N VAL B 255 -5.19 21.59 13.03
CA VAL B 255 -6.44 21.71 13.78
C VAL B 255 -7.45 20.73 13.19
N ILE B 256 -8.20 20.08 14.07
CA ILE B 256 -9.24 19.13 13.69
C ILE B 256 -10.60 19.72 14.07
N GLY B 257 -11.52 19.73 13.11
CA GLY B 257 -12.85 20.25 13.35
C GLY B 257 -13.76 19.18 13.91
N VAL B 258 -14.55 19.56 14.93
CA VAL B 258 -15.48 18.67 15.59
C VAL B 258 -16.84 19.36 15.67
N HIS B 259 -17.86 18.71 15.13
CA HIS B 259 -19.23 19.22 15.16
C HIS B 259 -20.11 18.23 15.89
N VAL B 260 -20.71 18.68 16.99
CA VAL B 260 -21.54 17.83 17.85
C VAL B 260 -22.94 18.42 17.84
N ARG B 261 -23.85 17.78 17.10
CA ARG B 261 -25.23 18.24 17.03
C ARG B 261 -26.07 17.49 18.05
N ARG B 262 -26.80 18.22 18.88
CA ARG B 262 -27.68 17.63 19.88
C ARG B 262 -29.01 18.37 19.93
N PHE B 272 -27.71 11.10 20.01
CA PHE B 272 -26.78 11.59 21.04
C PHE B 272 -25.48 10.78 21.03
N HIS B 273 -24.36 11.49 21.09
CA HIS B 273 -23.05 10.86 21.18
C HIS B 273 -22.24 11.63 22.22
N PRO B 274 -21.63 10.97 23.19
CA PRO B 274 -20.79 11.69 24.16
C PRO B 274 -19.56 12.27 23.48
N ILE B 275 -18.92 13.21 24.16
CA ILE B 275 -17.76 13.88 23.60
C ILE B 275 -16.61 12.90 23.39
N GLU B 276 -16.57 11.82 24.18
CA GLU B 276 -15.50 10.84 24.05
C GLU B 276 -15.56 10.12 22.71
N GLU B 277 -16.77 9.87 22.18
CA GLU B 277 -16.88 9.24 20.87
C GLU B 277 -16.21 10.09 19.79
N TYR B 278 -16.36 11.41 19.87
CA TYR B 278 -15.72 12.28 18.90
C TYR B 278 -14.21 12.34 19.11
N MET B 279 -13.77 12.31 20.37
CA MET B 279 -12.38 12.57 20.68
C MET B 279 -11.47 11.37 20.42
N VAL B 280 -12.01 10.15 20.44
CA VAL B 280 -11.17 8.98 20.16
C VAL B 280 -10.68 9.00 18.73
N HIS B 281 -11.46 9.58 17.81
CA HIS B 281 -11.02 9.75 16.43
C HIS B 281 -10.16 10.98 16.26
N VAL B 282 -10.35 12.01 17.10
CA VAL B 282 -9.47 13.17 17.07
C VAL B 282 -8.09 12.80 17.57
N GLU B 283 -8.03 12.09 18.69
CA GLU B 283 -6.73 11.65 19.23
C GLU B 283 -6.03 10.70 18.27
N GLU B 284 -6.81 9.85 17.58
CA GLU B 284 -6.20 8.89 16.66
C GLU B 284 -5.59 9.59 15.46
N HIS B 285 -6.28 10.60 14.91
CA HIS B 285 -5.74 11.29 13.75
C HIS B 285 -4.56 12.19 14.12
N PHE B 286 -4.55 12.71 15.35
CA PHE B 286 -3.40 13.49 15.80
C PHE B 286 -2.17 12.62 15.96
N GLN B 287 -2.35 11.34 16.35
CA GLN B 287 -1.23 10.42 16.39
C GLN B 287 -0.74 10.08 14.99
N LEU B 288 -1.65 10.00 14.02
CA LEU B 288 -1.25 9.79 12.63
C LEU B 288 -0.46 10.98 12.10
N LEU B 289 -0.95 12.19 12.36
CA LEU B 289 -0.24 13.39 11.91
C LEU B 289 1.11 13.53 12.60
N ALA B 290 1.21 13.13 13.87
CA ALA B 290 2.48 13.19 14.57
C ALA B 290 3.56 12.32 13.93
N ARG B 291 3.15 11.31 13.14
CA ARG B 291 4.12 10.45 12.48
C ARG B 291 4.81 11.12 11.31
N ARG B 292 4.29 12.25 10.82
CA ARG B 292 4.85 12.90 9.65
C ARG B 292 5.01 14.40 9.82
N MET B 293 4.76 14.94 11.01
CA MET B 293 4.93 16.37 11.25
C MET B 293 5.03 16.61 12.75
N GLN B 294 5.50 17.80 13.10
CA GLN B 294 5.52 18.23 14.49
C GLN B 294 4.16 18.79 14.87
N VAL B 295 3.60 18.26 15.95
CA VAL B 295 2.32 18.72 16.48
C VAL B 295 2.64 19.56 17.71
N ASP B 296 2.71 20.88 17.52
CA ASP B 296 3.03 21.76 18.64
C ASP B 296 1.98 21.70 19.73
N LYS B 297 0.70 21.66 19.34
CA LYS B 297 -0.39 21.55 20.30
C LYS B 297 -1.59 20.94 19.58
N LYS B 298 -2.32 20.08 20.28
CA LYS B 298 -3.52 19.47 19.72
C LYS B 298 -4.65 20.49 19.79
N ARG B 299 -5.10 20.96 18.62
CA ARG B 299 -6.12 21.98 18.52
C ARG B 299 -7.40 21.40 17.94
N VAL B 300 -8.53 21.72 18.56
CA VAL B 300 -9.84 21.26 18.11
C VAL B 300 -10.75 22.46 18.00
N TYR B 301 -11.29 22.70 16.80
CA TYR B 301 -12.32 23.70 16.62
C TYR B 301 -13.67 23.04 16.88
N LEU B 302 -14.30 23.42 17.99
CA LEU B 302 -15.55 22.80 18.42
C LEU B 302 -16.73 23.66 17.97
N ALA B 303 -17.61 23.06 17.18
CA ALA B 303 -18.86 23.68 16.77
C ALA B 303 -20.01 22.84 17.29
N THR B 304 -20.86 23.43 18.13
CA THR B 304 -21.91 22.67 18.78
C THR B 304 -23.08 23.57 19.11
N ASP B 305 -24.26 22.97 19.20
CA ASP B 305 -25.46 23.65 19.67
C ASP B 305 -25.70 23.43 21.15
N ASP B 306 -24.83 22.70 21.83
CA ASP B 306 -24.92 22.49 23.27
C ASP B 306 -23.98 23.47 23.96
N PRO B 307 -24.49 24.45 24.70
CA PRO B 307 -23.61 25.47 25.29
C PRO B 307 -22.77 24.96 26.44
N SER B 308 -23.15 23.85 27.07
CA SER B 308 -22.39 23.30 28.18
C SER B 308 -21.31 22.32 27.73
N LEU B 309 -21.15 22.12 26.42
CA LEU B 309 -20.17 21.14 25.93
C LEU B 309 -18.75 21.71 25.90
N LEU B 310 -18.60 23.01 25.67
CA LEU B 310 -17.28 23.60 25.57
C LEU B 310 -16.51 23.43 26.89
N LYS B 311 -17.14 23.78 28.01
CA LYS B 311 -16.47 23.62 29.30
C LYS B 311 -16.31 22.15 29.67
N GLU B 312 -17.22 21.29 29.20
CA GLU B 312 -17.06 19.86 29.45
C GLU B 312 -15.85 19.31 28.72
N ALA B 313 -15.64 19.71 27.47
CA ALA B 313 -14.51 19.20 26.70
C ALA B 313 -13.19 19.74 27.21
N LYS B 314 -13.15 21.02 27.60
CA LYS B 314 -11.91 21.63 28.06
C LYS B 314 -11.40 20.96 29.33
N THR B 315 -12.30 20.65 30.26
CA THR B 315 -11.88 20.03 31.52
C THR B 315 -11.62 18.53 31.37
N LYS B 316 -12.32 17.86 30.45
CA LYS B 316 -12.06 16.44 30.23
C LYS B 316 -10.78 16.21 29.44
N TYR B 317 -10.31 17.20 28.70
CA TYR B 317 -9.11 17.09 27.88
C TYR B 317 -8.25 18.33 28.14
N PRO B 318 -7.55 18.38 29.27
CA PRO B 318 -6.77 19.59 29.60
C PRO B 318 -5.59 19.82 28.69
N ASN B 319 -5.11 18.80 27.98
CA ASN B 319 -4.00 18.94 27.05
C ASN B 319 -4.44 19.34 25.65
N TYR B 320 -5.73 19.62 25.46
CA TYR B 320 -6.26 20.09 24.19
C TYR B 320 -6.62 21.56 24.29
N GLU B 321 -6.32 22.30 23.23
CA GLU B 321 -6.75 23.69 23.10
C GLU B 321 -8.01 23.74 22.25
N PHE B 322 -9.13 24.13 22.85
CA PHE B 322 -10.41 24.16 22.17
C PHE B 322 -10.70 25.58 21.68
N ILE B 323 -10.89 25.72 20.38
CA ILE B 323 -11.24 26.98 19.74
C ILE B 323 -12.69 26.90 19.30
N SER B 324 -13.47 27.93 19.61
CA SER B 324 -14.88 27.94 19.24
C SER B 324 -15.37 29.37 19.13
N ASP B 325 -16.38 29.56 18.28
CA ASP B 325 -17.01 30.86 18.12
C ASP B 325 -18.06 31.06 19.21
N ASN B 326 -17.83 32.03 20.09
CA ASN B 326 -18.76 32.38 21.16
C ASN B 326 -19.22 33.82 21.05
N SER B 327 -19.01 34.46 19.90
CA SER B 327 -19.30 35.87 19.74
C SER B 327 -20.81 36.12 19.77
N ILE B 328 -21.19 37.26 20.33
CA ILE B 328 -22.58 37.69 20.37
C ILE B 328 -22.84 38.82 19.37
N SER B 329 -21.89 39.10 18.48
CA SER B 329 -22.01 40.20 17.54
C SER B 329 -20.94 40.04 16.47
N TRP B 330 -21.20 40.63 15.31
CA TRP B 330 -20.17 40.76 14.30
C TRP B 330 -19.08 41.72 14.79
N SER B 331 -17.93 41.69 14.11
CA SER B 331 -16.86 42.60 14.47
C SER B 331 -17.29 44.05 14.28
N ALA B 332 -17.96 44.35 13.17
CA ALA B 332 -18.54 45.66 12.91
C ALA B 332 -20.02 45.59 13.26
N GLY B 333 -20.42 46.32 14.31
CA GLY B 333 -21.77 46.23 14.83
C GLY B 333 -22.85 46.62 13.83
N LEU B 334 -22.49 47.36 12.78
CA LEU B 334 -23.48 47.77 11.78
C LEU B 334 -24.11 46.56 11.09
N HIS B 335 -23.37 45.46 10.98
CA HIS B 335 -23.86 44.27 10.28
C HIS B 335 -24.87 43.47 11.10
N ASN B 336 -25.01 43.75 12.41
CA ASN B 336 -25.98 43.02 13.22
C ASN B 336 -27.40 43.28 12.78
N ARG B 337 -27.65 44.44 12.15
CA ARG B 337 -29.02 44.80 11.78
C ARG B 337 -29.50 44.02 10.56
N TYR B 338 -28.59 43.69 9.64
CA TYR B 338 -28.98 43.08 8.37
C TYR B 338 -28.93 41.56 8.38
N THR B 339 -28.37 40.94 9.41
CA THR B 339 -28.27 39.49 9.50
C THR B 339 -28.94 39.01 10.79
N GLU B 340 -29.65 37.90 10.69
CA GLU B 340 -30.26 37.30 11.87
C GLU B 340 -29.16 36.79 12.81
N ASN B 341 -29.51 36.73 14.10
CA ASN B 341 -28.49 36.53 15.13
C ASN B 341 -27.73 35.21 14.95
N SER B 342 -28.43 34.17 14.48
CA SER B 342 -27.83 32.84 14.37
C SER B 342 -27.10 32.62 13.05
N LEU B 343 -27.15 33.57 12.12
CA LEU B 343 -26.43 33.40 10.86
C LEU B 343 -24.93 33.54 11.05
N ARG B 344 -24.51 34.41 11.97
CA ARG B 344 -23.09 34.60 12.21
C ARG B 344 -22.44 33.31 12.72
N GLY B 345 -23.10 32.61 13.63
CA GLY B 345 -22.51 31.41 14.20
C GLY B 345 -22.37 30.27 13.20
N VAL B 346 -23.39 30.08 12.36
CA VAL B 346 -23.35 28.95 11.44
C VAL B 346 -22.37 29.21 10.29
N ILE B 347 -22.26 30.46 9.85
CA ILE B 347 -21.30 30.77 8.77
C ILE B 347 -19.88 30.60 9.27
N LEU B 348 -19.59 31.06 10.48
CA LEU B 348 -18.25 30.92 11.04
C LEU B 348 -17.94 29.47 11.36
N ASP B 349 -18.90 28.74 11.95
CA ASP B 349 -18.67 27.33 12.27
C ASP B 349 -18.37 26.52 11.02
N ILE B 350 -19.18 26.71 9.97
CA ILE B 350 -18.97 25.96 8.73
C ILE B 350 -17.62 26.32 8.10
N HIS B 351 -17.23 27.60 8.20
CA HIS B 351 -15.97 28.04 7.62
C HIS B 351 -14.79 27.32 8.27
N PHE B 352 -14.68 27.43 9.60
CA PHE B 352 -13.53 26.87 10.29
C PHE B 352 -13.54 25.35 10.30
N LEU B 353 -14.72 24.73 10.30
CA LEU B 353 -14.78 23.28 10.13
C LEU B 353 -14.26 22.86 8.77
N SER B 354 -14.60 23.63 7.73
CA SER B 354 -14.12 23.33 6.39
C SER B 354 -12.64 23.61 6.21
N GLN B 355 -12.07 24.50 7.02
CA GLN B 355 -10.64 24.81 6.94
C GLN B 355 -9.79 23.83 7.74
N ALA B 356 -10.40 22.98 8.56
CA ALA B 356 -9.65 22.07 9.40
C ALA B 356 -8.99 20.97 8.58
N ASP B 357 -7.93 20.40 9.15
CA ASP B 357 -7.21 19.30 8.51
C ASP B 357 -7.95 17.98 8.61
N PHE B 358 -8.90 17.86 9.54
CA PHE B 358 -9.68 16.65 9.72
C PHE B 358 -11.01 17.03 10.34
N LEU B 359 -12.04 16.25 10.04
CA LEU B 359 -13.41 16.59 10.41
C LEU B 359 -14.07 15.39 11.08
N VAL B 360 -14.35 15.50 12.37
CA VAL B 360 -15.05 14.45 13.12
C VAL B 360 -16.43 14.97 13.48
N CYS B 361 -17.46 14.23 13.09
CA CYS B 361 -18.85 14.68 13.26
C CYS B 361 -19.83 13.56 12.95
N THR B 362 -21.08 13.94 12.69
CA THR B 362 -22.10 13.03 12.19
C THR B 362 -22.62 13.58 10.87
N PHE B 363 -22.46 12.79 9.79
CA PHE B 363 -22.88 13.25 8.48
C PHE B 363 -24.40 13.35 8.33
N SER B 364 -25.16 12.90 9.34
CA SER B 364 -26.59 13.18 9.36
C SER B 364 -26.87 14.67 9.53
N SER B 365 -25.88 15.44 9.96
CA SER B 365 -26.03 16.87 10.17
C SER B 365 -25.73 17.60 8.87
N GLN B 366 -26.64 18.51 8.48
CA GLN B 366 -26.43 19.30 7.27
C GLN B 366 -25.18 20.17 7.39
N VAL B 367 -24.89 20.66 8.60
CA VAL B 367 -23.79 21.62 8.79
C VAL B 367 -22.45 20.94 8.50
N CYS B 368 -22.25 19.74 9.05
CA CYS B 368 -21.00 19.04 8.79
C CYS B 368 -20.87 18.66 7.32
N ARG B 369 -21.98 18.27 6.69
CA ARG B 369 -21.96 17.94 5.28
C ARG B 369 -21.51 19.13 4.44
N VAL B 370 -22.01 20.33 4.74
CA VAL B 370 -21.61 21.52 4.02
C VAL B 370 -20.12 21.79 4.22
N ALA B 371 -19.65 21.69 5.46
CA ALA B 371 -18.23 21.90 5.74
C ALA B 371 -17.37 20.86 5.04
N TYR B 372 -17.83 19.60 5.01
CA TYR B 372 -17.09 18.56 4.31
C TYR B 372 -17.02 18.84 2.82
N GLU B 373 -18.10 19.39 2.25
CA GLU B 373 -18.09 19.70 0.81
C GLU B 373 -17.14 20.84 0.50
N ILE B 374 -17.18 21.91 1.30
CA ILE B 374 -16.27 23.04 1.08
C ILE B 374 -14.82 22.59 1.23
N MET B 375 -14.56 21.62 2.11
CA MET B 375 -13.19 21.14 2.31
C MET B 375 -12.60 20.58 1.02
N GLN B 376 -13.45 19.98 0.18
CA GLN B 376 -12.98 19.43 -1.09
C GLN B 376 -12.47 20.49 -2.05
N THR B 377 -12.87 21.75 -1.85
CA THR B 377 -12.39 22.86 -2.67
C THR B 377 -11.08 23.44 -2.17
N LEU B 378 -10.61 23.03 -0.99
CA LEU B 378 -9.40 23.58 -0.39
C LEU B 378 -8.18 22.67 -0.51
N HIS B 379 -8.35 21.46 -1.04
CA HIS B 379 -7.25 20.51 -1.12
C HIS B 379 -7.42 19.69 -2.39
N PRO B 380 -6.34 19.11 -2.92
CA PRO B 380 -6.48 18.27 -4.12
C PRO B 380 -7.43 17.09 -3.92
N ASP B 381 -7.32 16.38 -2.80
CA ASP B 381 -8.17 15.22 -2.54
C ASP B 381 -8.32 15.09 -1.02
N ALA B 382 -9.38 15.70 -0.49
CA ALA B 382 -9.71 15.62 0.93
C ALA B 382 -10.90 14.69 1.19
N SER B 383 -11.13 13.73 0.30
CA SER B 383 -12.30 12.87 0.44
C SER B 383 -12.26 12.03 1.69
N ALA B 384 -11.06 11.69 2.18
CA ALA B 384 -10.89 10.81 3.32
C ALA B 384 -10.57 11.55 4.61
N ASN B 385 -10.54 12.87 4.57
CA ASN B 385 -10.19 13.68 5.75
C ASN B 385 -11.37 13.86 6.71
N PHE B 386 -12.13 12.81 6.96
CA PHE B 386 -13.29 12.90 7.83
C PHE B 386 -13.48 11.58 8.57
N HIS B 387 -14.32 11.63 9.60
CA HIS B 387 -14.89 10.41 10.18
C HIS B 387 -16.27 10.76 10.72
N SER B 388 -17.30 10.15 10.13
CA SER B 388 -18.68 10.36 10.55
C SER B 388 -19.09 9.28 11.53
N LEU B 389 -19.75 9.69 12.63
CA LEU B 389 -20.18 8.72 13.63
C LEU B 389 -21.43 7.96 13.22
N ASP B 390 -22.15 8.40 12.18
CA ASP B 390 -23.30 7.64 11.70
C ASP B 390 -23.26 7.44 10.18
N ASP B 391 -23.92 8.33 9.43
CA ASP B 391 -24.12 8.11 8.01
C ASP B 391 -22.83 8.32 7.22
N ILE B 392 -22.77 7.68 6.05
CA ILE B 392 -21.77 7.99 5.05
C ILE B 392 -22.22 9.26 4.35
N TYR B 393 -21.41 9.77 3.43
CA TYR B 393 -21.79 10.99 2.74
C TYR B 393 -23.01 10.75 1.86
N TYR B 394 -23.91 11.73 1.85
CA TYR B 394 -25.07 11.69 0.96
C TYR B 394 -25.49 13.13 0.66
N PHE B 395 -26.40 13.26 -0.29
CA PHE B 395 -27.00 14.54 -0.64
C PHE B 395 -28.51 14.35 -0.66
N GLY B 396 -29.23 15.23 0.05
CA GLY B 396 -30.67 15.16 0.10
C GLY B 396 -31.32 15.14 -1.26
N GLY B 397 -32.07 14.08 -1.55
CA GLY B 397 -32.70 13.92 -2.85
C GLY B 397 -31.87 13.20 -3.89
N GLN B 398 -30.72 12.65 -3.51
CA GLN B 398 -29.86 11.96 -4.46
C GLN B 398 -30.55 10.70 -4.98
N ASN B 399 -30.07 10.22 -6.13
CA ASN B 399 -30.48 8.91 -6.61
C ASN B 399 -29.82 7.82 -5.77
N ALA B 400 -30.21 6.58 -6.05
CA ALA B 400 -29.76 5.46 -5.23
C ALA B 400 -28.24 5.32 -5.26
N HIS B 401 -27.66 5.15 -4.08
CA HIS B 401 -26.21 4.94 -3.94
C HIS B 401 -25.95 3.45 -4.00
N ASN B 402 -25.26 3.02 -5.06
CA ASN B 402 -25.03 1.60 -5.31
C ASN B 402 -23.54 1.28 -5.27
N GLN B 403 -23.25 0.05 -4.87
CA GLN B 403 -21.91 -0.50 -4.88
C GLN B 403 -21.90 -1.77 -5.72
N ILE B 404 -20.70 -2.24 -6.05
CA ILE B 404 -20.52 -3.47 -6.81
C ILE B 404 -19.64 -4.40 -6.00
N ALA B 405 -20.17 -5.60 -5.70
CA ALA B 405 -19.40 -6.60 -4.98
C ALA B 405 -18.23 -7.06 -5.84
N ILE B 406 -17.02 -7.04 -5.26
CA ILE B 406 -15.85 -7.52 -5.96
C ILE B 406 -15.40 -8.90 -5.49
N TYR B 407 -15.63 -9.26 -4.23
CA TYR B 407 -15.28 -10.56 -3.70
C TYR B 407 -16.52 -11.26 -3.14
N ALA B 408 -16.56 -12.58 -3.27
CA ALA B 408 -17.71 -13.32 -2.79
C ALA B 408 -17.78 -13.28 -1.27
N HIS B 409 -19.00 -13.34 -0.75
CA HIS B 409 -19.23 -13.41 0.69
C HIS B 409 -20.30 -14.45 0.98
N GLN B 410 -20.00 -15.36 1.90
CA GLN B 410 -20.96 -16.35 2.36
C GLN B 410 -21.40 -15.98 3.77
N PRO B 411 -22.70 -15.82 4.02
CA PRO B 411 -23.14 -15.32 5.33
C PRO B 411 -22.81 -16.29 6.46
N ARG B 412 -22.30 -15.73 7.56
CA ARG B 412 -22.05 -16.50 8.76
C ARG B 412 -23.27 -16.52 9.69
N THR B 413 -23.99 -15.40 9.77
CA THR B 413 -25.21 -15.29 10.53
C THR B 413 -26.36 -14.90 9.61
N ALA B 414 -27.58 -14.96 10.15
CA ALA B 414 -28.76 -14.59 9.37
C ALA B 414 -28.81 -13.10 9.06
N ASP B 415 -28.08 -12.27 9.81
CA ASP B 415 -28.06 -10.83 9.56
C ASP B 415 -27.18 -10.45 8.38
N GLU B 416 -26.35 -11.36 7.90
CA GLU B 416 -25.50 -11.09 6.75
C GLU B 416 -26.18 -11.51 5.45
N ILE B 417 -25.77 -10.87 4.36
CA ILE B 417 -26.30 -11.20 3.04
C ILE B 417 -25.21 -11.87 2.22
N PRO B 418 -25.55 -12.79 1.31
CA PRO B 418 -24.55 -13.32 0.39
C PRO B 418 -24.27 -12.36 -0.74
N MET B 419 -23.04 -12.42 -1.25
CA MET B 419 -22.63 -11.59 -2.36
C MET B 419 -21.77 -12.42 -3.32
N GLU B 420 -22.02 -12.24 -4.61
CA GLU B 420 -21.17 -12.76 -5.67
C GLU B 420 -20.58 -11.60 -6.46
N PRO B 421 -19.37 -11.74 -6.99
CA PRO B 421 -18.76 -10.64 -7.73
C PRO B 421 -19.64 -10.18 -8.88
N GLY B 422 -19.84 -8.87 -8.97
CA GLY B 422 -20.71 -8.27 -9.95
C GLY B 422 -22.07 -7.86 -9.42
N ASP B 423 -22.46 -8.36 -8.26
CA ASP B 423 -23.76 -8.00 -7.68
C ASP B 423 -23.80 -6.51 -7.37
N ILE B 424 -24.94 -5.89 -7.63
CA ILE B 424 -25.17 -4.49 -7.31
C ILE B 424 -25.77 -4.40 -5.91
N ILE B 425 -25.08 -3.70 -5.01
CA ILE B 425 -25.50 -3.58 -3.62
C ILE B 425 -25.84 -2.13 -3.35
N GLY B 426 -27.08 -1.88 -2.93
CA GLY B 426 -27.49 -0.56 -2.51
C GLY B 426 -27.15 -0.31 -1.05
N VAL B 427 -26.13 0.52 -0.80
CA VAL B 427 -25.60 0.68 0.55
C VAL B 427 -26.46 1.67 1.33
N ALA B 428 -26.81 1.31 2.55
CA ALA B 428 -27.50 2.23 3.45
C ALA B 428 -26.53 2.95 4.38
N GLY B 429 -25.41 2.33 4.74
CA GLY B 429 -24.43 2.98 5.60
C GLY B 429 -23.29 2.04 5.93
N ASN B 430 -22.28 2.63 6.57
CA ASN B 430 -21.09 1.92 7.04
C ASN B 430 -21.10 1.95 8.57
N HIS B 431 -21.05 0.79 9.20
CA HIS B 431 -21.04 0.70 10.65
C HIS B 431 -19.66 0.91 11.25
N TRP B 432 -18.65 1.16 10.43
CA TRP B 432 -17.28 1.47 10.89
C TRP B 432 -16.74 0.38 11.82
N ASP B 433 -17.14 -0.86 11.57
CA ASP B 433 -16.69 -2.01 12.35
C ASP B 433 -16.25 -3.16 11.45
N GLY B 434 -15.97 -2.87 10.18
CA GLY B 434 -15.66 -3.89 9.19
C GLY B 434 -16.82 -4.30 8.33
N TYR B 435 -18.05 -3.92 8.71
CA TYR B 435 -19.25 -4.31 7.99
C TYR B 435 -20.03 -3.08 7.55
N SER B 436 -20.74 -3.22 6.43
CA SER B 436 -21.69 -2.23 5.96
C SER B 436 -23.05 -2.88 5.80
N LYS B 437 -24.10 -2.05 5.85
CA LYS B 437 -25.47 -2.53 5.70
C LYS B 437 -26.02 -2.06 4.36
N GLY B 438 -26.71 -2.96 3.67
CA GLY B 438 -27.26 -2.64 2.36
C GLY B 438 -28.11 -3.78 1.86
N VAL B 439 -28.66 -3.59 0.66
CA VAL B 439 -29.56 -4.55 0.04
C VAL B 439 -28.89 -5.11 -1.21
N ASN B 440 -28.83 -6.44 -1.31
CA ASN B 440 -28.41 -7.11 -2.53
C ASN B 440 -29.60 -7.06 -3.49
N ARG B 441 -29.51 -6.18 -4.49
CA ARG B 441 -30.65 -5.96 -5.38
C ARG B 441 -30.96 -7.18 -6.23
N LYS B 442 -29.97 -8.04 -6.46
CA LYS B 442 -30.22 -9.27 -7.21
C LYS B 442 -31.11 -10.24 -6.44
N LEU B 443 -31.10 -10.15 -5.11
CA LEU B 443 -31.85 -11.06 -4.26
C LEU B 443 -32.98 -10.40 -3.48
N GLY B 444 -32.92 -9.08 -3.26
CA GLY B 444 -33.88 -8.43 -2.41
C GLY B 444 -33.65 -8.64 -0.92
N ARG B 445 -32.50 -9.18 -0.54
CA ARG B 445 -32.15 -9.41 0.85
C ARG B 445 -31.35 -8.24 1.38
N THR B 446 -31.72 -7.74 2.56
CA THR B 446 -31.04 -6.63 3.21
C THR B 446 -30.30 -7.16 4.44
N GLY B 447 -29.04 -6.77 4.57
CA GLY B 447 -28.26 -7.23 5.70
C GLY B 447 -26.85 -6.69 5.64
N LEU B 448 -25.99 -7.28 6.46
CA LEU B 448 -24.61 -6.84 6.61
C LEU B 448 -23.68 -7.58 5.64
N TYR B 449 -22.54 -6.95 5.37
CA TYR B 449 -21.53 -7.52 4.48
C TYR B 449 -20.21 -6.82 4.75
N PRO B 450 -19.08 -7.51 4.57
CA PRO B 450 -17.79 -6.86 4.81
C PRO B 450 -17.59 -5.66 3.89
N SER B 451 -17.10 -4.57 4.48
CA SER B 451 -16.97 -3.32 3.72
C SER B 451 -15.90 -3.43 2.64
N TYR B 452 -14.89 -4.26 2.84
CA TYR B 452 -13.80 -4.34 1.88
C TYR B 452 -14.15 -5.16 0.64
N LYS B 453 -15.25 -5.92 0.68
CA LYS B 453 -15.63 -6.80 -0.41
C LYS B 453 -16.45 -6.10 -1.49
N VAL B 454 -16.59 -4.77 -1.43
CA VAL B 454 -17.33 -4.03 -2.43
C VAL B 454 -16.51 -2.83 -2.88
N ARG B 455 -16.87 -2.31 -4.04
CA ARG B 455 -16.32 -1.06 -4.54
C ARG B 455 -17.47 -0.14 -4.95
N GLU B 456 -17.16 1.14 -5.09
CA GLU B 456 -18.18 2.12 -5.40
C GLU B 456 -18.58 2.06 -6.87
N LYS B 457 -19.87 2.24 -7.13
CA LYS B 457 -20.41 2.29 -8.48
C LYS B 457 -20.59 3.76 -8.85
N ILE B 458 -19.63 4.29 -9.60
CA ILE B 458 -19.65 5.70 -9.97
C ILE B 458 -20.58 5.90 -11.16
N GLU B 459 -21.54 6.81 -11.03
CA GLU B 459 -22.50 7.08 -12.07
C GLU B 459 -22.11 8.33 -12.85
N THR B 460 -22.46 8.34 -14.14
CA THR B 460 -22.16 9.47 -15.00
C THR B 460 -23.43 9.93 -15.71
N VAL B 461 -23.45 11.22 -16.05
CA VAL B 461 -24.55 11.84 -16.78
C VAL B 461 -23.95 12.71 -17.88
N LYS B 462 -24.56 12.65 -19.06
CA LYS B 462 -24.13 13.50 -20.18
C LYS B 462 -24.61 14.93 -19.90
N TYR B 463 -23.75 15.70 -19.24
CA TYR B 463 -23.99 17.12 -19.02
C TYR B 463 -23.59 17.92 -20.25
N PRO B 464 -24.08 19.15 -20.38
CA PRO B 464 -23.44 20.09 -21.31
C PRO B 464 -22.01 20.38 -20.87
N THR B 465 -21.14 20.60 -21.85
CA THR B 465 -19.74 20.87 -21.56
C THR B 465 -19.34 22.32 -21.75
N TYR B 466 -20.21 23.14 -22.37
CA TYR B 466 -19.99 24.56 -22.56
C TYR B 466 -18.63 24.86 -23.19
N PRO B 467 -18.42 24.48 -24.45
CA PRO B 467 -17.11 24.76 -25.07
C PRO B 467 -16.83 26.24 -25.26
N GLU B 468 -17.86 27.08 -25.30
CA GLU B 468 -17.68 28.51 -25.49
C GLU B 468 -17.04 29.18 -24.28
N ALA B 469 -17.06 28.52 -23.12
CA ALA B 469 -16.47 29.10 -21.92
C ALA B 469 -14.95 29.26 -22.04
N GLU B 470 -14.33 28.57 -22.99
CA GLU B 470 -12.90 28.69 -23.21
C GLU B 470 -12.54 30.08 -23.75
S SO4 C . -5.51 -30.50 1.27
O1 SO4 C . -5.87 -29.32 0.49
O2 SO4 C . -6.72 -31.12 1.80
O3 SO4 C . -4.82 -31.45 0.41
O4 SO4 C . -4.64 -30.11 2.37
#